data_1XD2
#
_entry.id   1XD2
#
_cell.length_a   183.703
_cell.length_b   183.703
_cell.length_c   177.804
_cell.angle_alpha   90.00
_cell.angle_beta   90.00
_cell.angle_gamma   90.00
#
_symmetry.space_group_name_H-M   'I 4 2 2'
#
loop_
_entity.id
_entity.type
_entity.pdbx_description
1 polymer 'Transforming protein p21/H-Ras-1'
2 polymer 'Transforming protein p21/H-Ras-1'
3 polymer 'Son of sevenless protein homolog 1'
4 non-polymer 'MAGNESIUM ION'
5 non-polymer 'PHOSPHATE ION'
6 non-polymer "GUANOSINE-5'-DIPHOSPHATE"
#
loop_
_entity_poly.entity_id
_entity_poly.type
_entity_poly.pdbx_seq_one_letter_code
_entity_poly.pdbx_strand_id
1 'polypeptide(L)'
;MTEYKLVVVGAGGVGKSALTIQLIQNHFVDEYDPTIEDSYRKQVVIDGETCLLDILDTAGQEEASAMRDQYMRTGEGFLC
VFAINNTKSFEDIHQYREQIKRVKDSDDVPMVLVGNKCDLAARTVESRQAQDLARSYGIPYIETSAKTRQGVEDAFYTLV
REIRQH
;
A
2 'polypeptide(L)'
;MTEYKLVVVGAGGVGKSALTIQLIQNHFVDEYDPTIEDSYRKQVVIDGETCLLDILDTAGQEEYSAMRDQYMRTGEGFLC
VFAINNTKSFEDIHQYREQIKRVKDSDDVPMVLVGNKCDLAARTVESRQAQDLARSYGIPYIETSAKTRQGVEDAFYTLV
REIRQH
;
B
3 'polypeptide(L)'
;QMRLPSADVYRFAEPDSEENIIFEENMQPKAGIPIIKAGTVIKLIERLTYHMYADPNFVRTFLTTYRSFCKPQELLSLII
ERFEIPEPEPTEADRIAIENGDQPLSAELKRFRKEYIQPVQLRVLNVCRHWVEHHFYDFERDAYLLQRMEEFIGTVRGKA
MKKWVESITKIIQRKKIARDNGPGHNITFQSSPPTVEWHISRPGHIETFDLLTLHPIEIARQLTLLESDLYRAVQPSELV
GSVWTKEDKEINSPNLLKMIRHTTNLTLWFEKCIVETENLEERVAVVSRIIEILQVFQELNNFNGVLEVVSAMNSSPVYR
LDHTFEQIPSRQKKILEEAHELSEDHYKKYLAKLRSINPPCVPFFGIYLTNILKTEEGNPEVLKRHGKELINFSKRRKVA
EITGEIQQYQNQPYCLRVESDIKRFFENLNPMGNSMEKEFTDYLFNKSLEIEPRNPKPLPRFPKKYSYPLKSPGVRPSNP
RPGT
;
C
#
loop_
_chem_comp.id
_chem_comp.type
_chem_comp.name
_chem_comp.formula
GDP RNA linking GUANOSINE-5'-DIPHOSPHATE 'C10 H15 N5 O11 P2'
MG non-polymer 'MAGNESIUM ION' 'Mg 2'
PO4 non-polymer 'PHOSPHATE ION' 'O4 P -3'
#
# COMPACT_ATOMS: atom_id res chain seq x y z
N MET A 1 -7.58 16.22 -1.77
CA MET A 1 -8.24 15.94 -0.46
C MET A 1 -7.49 16.59 0.69
N THR A 2 -8.23 16.96 1.72
CA THR A 2 -7.67 17.60 2.89
C THR A 2 -7.23 16.59 3.95
N GLU A 3 -6.17 16.95 4.67
CA GLU A 3 -5.64 16.10 5.73
C GLU A 3 -5.95 16.73 7.10
N TYR A 4 -6.39 15.92 8.03
CA TYR A 4 -6.74 16.39 9.37
C TYR A 4 -6.00 15.60 10.44
N LYS A 5 -5.18 16.29 11.23
CA LYS A 5 -4.44 15.63 12.30
C LYS A 5 -5.22 15.69 13.61
N LEU A 6 -5.77 14.56 14.02
CA LEU A 6 -6.55 14.44 15.24
C LEU A 6 -5.71 13.74 16.32
N VAL A 7 -5.74 14.26 17.53
CA VAL A 7 -5.01 13.68 18.65
C VAL A 7 -5.95 13.17 19.74
N VAL A 8 -5.76 11.93 20.20
CA VAL A 8 -6.60 11.38 21.25
C VAL A 8 -5.86 11.39 22.59
N VAL A 9 -6.37 12.16 23.55
CA VAL A 9 -5.76 12.29 24.86
C VAL A 9 -6.68 11.87 26.00
N GLY A 10 -6.09 11.71 27.19
CA GLY A 10 -6.83 11.30 28.36
C GLY A 10 -6.06 10.30 29.21
N ALA A 11 -6.46 10.15 30.47
CA ALA A 11 -5.80 9.21 31.35
C ALA A 11 -5.77 7.79 30.77
N GLY A 12 -4.75 7.04 31.17
CA GLY A 12 -4.62 5.67 30.70
C GLY A 12 -5.82 4.83 31.11
N GLY A 13 -6.18 3.88 30.26
CA GLY A 13 -7.31 3.02 30.56
C GLY A 13 -8.69 3.50 30.12
N VAL A 14 -8.83 4.78 29.76
CA VAL A 14 -10.15 5.28 29.37
C VAL A 14 -10.63 4.66 28.07
N GLY A 15 -9.69 4.22 27.23
CA GLY A 15 -10.06 3.60 25.97
C GLY A 15 -9.64 4.33 24.70
N LYS A 16 -8.67 5.23 24.84
CA LYS A 16 -8.21 6.00 23.69
C LYS A 16 -7.81 5.09 22.54
N SER A 17 -7.15 3.99 22.85
CA SER A 17 -6.73 3.08 21.79
C SER A 17 -7.85 2.20 21.21
N ALA A 18 -8.80 1.81 22.05
CA ALA A 18 -9.90 0.98 21.57
C ALA A 18 -10.74 1.79 20.60
N LEU A 19 -11.06 3.03 20.97
CA LEU A 19 -11.87 3.89 20.10
C LEU A 19 -11.16 4.03 18.76
N THR A 20 -9.86 4.31 18.83
CA THR A 20 -9.07 4.48 17.63
C THR A 20 -9.07 3.23 16.72
N ILE A 21 -8.78 2.07 17.29
CA ILE A 21 -8.77 0.86 16.50
C ILE A 21 -10.18 0.45 16.04
N GLN A 22 -11.19 0.84 16.81
CA GLN A 22 -12.56 0.54 16.43
C GLN A 22 -12.86 1.37 15.18
N LEU A 23 -12.36 2.61 15.13
CA LEU A 23 -12.59 3.48 13.98
C LEU A 23 -11.84 3.02 12.73
N ILE A 24 -10.57 2.67 12.95
CA ILE A 24 -9.70 2.23 11.88
C ILE A 24 -9.94 0.83 11.31
N GLN A 25 -10.13 -0.14 12.21
CA GLN A 25 -10.34 -1.53 11.82
C GLN A 25 -11.70 -2.13 12.11
N ASN A 26 -12.60 -1.40 12.75
CA ASN A 26 -13.92 -1.96 13.08
C ASN A 26 -13.70 -3.19 13.94
N HIS A 27 -12.66 -3.13 14.76
CA HIS A 27 -12.29 -4.22 15.65
C HIS A 27 -12.14 -3.71 17.09
N PHE A 28 -12.60 -4.50 18.06
CA PHE A 28 -12.49 -4.10 19.45
C PHE A 28 -11.35 -4.81 20.13
N VAL A 29 -10.45 -4.04 20.72
CA VAL A 29 -9.32 -4.58 21.44
C VAL A 29 -9.75 -4.91 22.87
N ASP A 30 -9.86 -6.18 23.20
CA ASP A 30 -10.30 -6.55 24.55
C ASP A 30 -9.17 -6.47 25.61
N GLU A 31 -7.94 -6.72 25.18
CA GLU A 31 -6.81 -6.67 26.10
C GLU A 31 -6.25 -5.27 26.22
N TYR A 32 -5.52 -5.03 27.31
CA TYR A 32 -4.95 -3.72 27.54
C TYR A 32 -3.42 -3.69 27.46
N ASP A 33 -2.91 -2.80 26.61
CA ASP A 33 -1.46 -2.62 26.44
C ASP A 33 -1.22 -1.11 26.41
N PRO A 34 -0.43 -0.61 27.35
CA PRO A 34 -0.13 0.81 27.42
C PRO A 34 0.43 1.30 26.10
N THR A 35 -0.12 2.38 25.59
CA THR A 35 0.36 2.94 24.35
C THR A 35 1.61 3.79 24.68
N ILE A 36 2.44 4.03 23.68
CA ILE A 36 3.62 4.88 23.83
C ILE A 36 3.32 6.05 22.87
N GLU A 37 3.25 5.73 21.59
CA GLU A 37 2.90 6.69 20.55
C GLU A 37 2.61 5.94 19.25
N ASP A 38 1.42 6.14 18.68
CA ASP A 38 1.01 5.48 17.44
C ASP A 38 0.22 6.39 16.53
N SER A 39 0.38 6.16 15.23
CA SER A 39 -0.30 6.96 14.24
C SER A 39 -1.10 6.09 13.27
N TYR A 40 -2.31 6.51 12.91
CA TYR A 40 -3.13 5.75 11.98
C TYR A 40 -3.70 6.69 10.94
N ARG A 41 -3.79 6.22 9.71
CA ARG A 41 -4.33 7.00 8.62
C ARG A 41 -5.66 6.41 8.17
N LYS A 42 -6.61 7.28 7.85
CA LYS A 42 -7.93 6.84 7.41
C LYS A 42 -8.55 7.73 6.34
N GLN A 43 -8.81 7.14 5.17
CA GLN A 43 -9.43 7.87 4.08
C GLN A 43 -10.94 7.70 4.23
N VAL A 44 -11.65 8.79 4.39
CA VAL A 44 -13.09 8.73 4.57
C VAL A 44 -13.76 9.97 4.00
N VAL A 45 -15.01 9.80 3.59
CA VAL A 45 -15.78 10.89 3.02
C VAL A 45 -16.73 11.40 4.09
N ILE A 46 -16.51 12.63 4.53
CA ILE A 46 -17.33 13.27 5.56
C ILE A 46 -18.06 14.46 4.94
N ASP A 47 -19.39 14.44 5.03
CA ASP A 47 -20.20 15.52 4.47
C ASP A 47 -19.83 15.81 3.02
N GLY A 48 -19.76 14.75 2.21
CA GLY A 48 -19.45 14.93 0.80
C GLY A 48 -18.02 15.28 0.40
N GLU A 49 -17.11 15.49 1.36
CA GLU A 49 -15.72 15.80 1.04
C GLU A 49 -14.78 14.65 1.47
N THR A 50 -13.85 14.28 0.62
CA THR A 50 -12.93 13.20 0.96
C THR A 50 -11.82 13.68 1.88
N CYS A 51 -11.67 13.00 3.02
CA CYS A 51 -10.66 13.35 4.01
C CYS A 51 -9.61 12.29 4.21
N LEU A 52 -8.47 12.76 4.67
CA LEU A 52 -7.36 11.90 4.99
C LEU A 52 -7.10 12.21 6.45
N LEU A 53 -7.60 11.34 7.32
CA LEU A 53 -7.43 11.52 8.74
C LEU A 53 -6.10 10.94 9.26
N ASP A 54 -5.45 11.69 10.13
CA ASP A 54 -4.19 11.28 10.76
C ASP A 54 -4.49 11.24 12.25
N ILE A 55 -4.75 10.04 12.75
CA ILE A 55 -5.09 9.89 14.15
C ILE A 55 -3.89 9.52 14.98
N LEU A 56 -3.51 10.42 15.88
CA LEU A 56 -2.37 10.24 16.75
C LEU A 56 -2.84 9.72 18.10
N ASP A 57 -2.43 8.51 18.44
CA ASP A 57 -2.79 7.87 19.70
C ASP A 57 -1.71 8.15 20.73
N THR A 58 -2.09 8.71 21.89
CA THR A 58 -1.10 9.04 22.92
C THR A 58 -1.23 8.20 24.18
N ALA A 59 -0.16 8.24 24.98
CA ALA A 59 -0.10 7.54 26.26
C ALA A 59 -0.44 8.61 27.29
N GLY A 60 -1.25 8.25 28.29
CA GLY A 60 -1.66 9.23 29.27
C GLY A 60 -0.86 9.27 30.56
N GLN A 61 0.16 8.43 30.67
CA GLN A 61 0.93 8.43 31.90
C GLN A 61 1.98 9.53 31.92
N GLU A 62 2.42 9.88 33.13
CA GLU A 62 3.40 10.94 33.36
C GLU A 62 4.73 10.77 32.63
N GLU A 63 5.26 9.55 32.59
CA GLU A 63 6.54 9.31 31.92
C GLU A 63 6.50 9.77 30.47
N ALA A 64 5.30 9.93 29.94
CA ALA A 64 5.12 10.35 28.56
C ALA A 64 4.89 11.85 28.38
N SER A 65 4.86 12.61 29.47
CA SER A 65 4.64 14.06 29.45
C SER A 65 5.30 14.76 28.27
N ALA A 66 6.62 14.77 28.28
CA ALA A 66 7.36 15.42 27.20
C ALA A 66 6.83 14.98 25.85
N MET A 67 6.73 13.68 25.66
CA MET A 67 6.24 13.09 24.43
C MET A 67 4.84 13.52 23.98
N ARG A 68 3.88 13.46 24.90
CA ARG A 68 2.51 13.84 24.60
C ARG A 68 2.47 15.28 24.07
N ASP A 69 3.20 16.18 24.75
CA ASP A 69 3.26 17.58 24.36
C ASP A 69 3.69 17.66 22.91
N GLN A 70 4.69 16.85 22.57
CA GLN A 70 5.20 16.82 21.22
C GLN A 70 4.15 16.37 20.21
N TYR A 71 3.22 15.53 20.66
CA TYR A 71 2.15 15.07 19.78
C TYR A 71 1.06 16.14 19.66
N MET A 72 0.86 16.89 20.74
CA MET A 72 -0.15 17.94 20.77
C MET A 72 0.27 19.16 19.97
N ARG A 73 1.57 19.37 19.81
CA ARG A 73 2.02 20.54 19.08
C ARG A 73 1.54 20.48 17.64
N THR A 74 1.58 19.27 17.07
CA THR A 74 1.20 19.06 15.69
C THR A 74 -0.27 18.78 15.38
N GLY A 75 -1.06 18.48 16.41
CA GLY A 75 -2.47 18.21 16.21
C GLY A 75 -3.29 19.46 15.98
N GLU A 76 -4.38 19.30 15.25
CA GLU A 76 -5.28 20.39 14.93
C GLU A 76 -6.55 20.25 15.74
N GLY A 77 -6.96 19.01 15.99
CA GLY A 77 -8.17 18.78 16.77
C GLY A 77 -7.86 17.77 17.86
N PHE A 78 -8.60 17.81 18.95
CA PHE A 78 -8.33 16.89 20.04
C PHE A 78 -9.55 16.16 20.55
N LEU A 79 -9.35 14.87 20.79
CA LEU A 79 -10.41 14.05 21.34
C LEU A 79 -10.03 13.86 22.81
N CYS A 80 -10.79 14.47 23.74
CA CYS A 80 -10.50 14.32 25.16
C CYS A 80 -11.38 13.24 25.78
N VAL A 81 -10.79 12.06 25.92
CA VAL A 81 -11.50 10.89 26.45
C VAL A 81 -11.38 10.59 27.95
N PHE A 82 -12.47 10.12 28.55
CA PHE A 82 -12.48 9.73 29.96
C PHE A 82 -13.47 8.56 29.94
N ALA A 83 -13.57 7.80 31.02
CA ALA A 83 -14.51 6.68 31.01
C ALA A 83 -15.64 7.00 31.98
N ILE A 84 -16.88 6.75 31.56
CA ILE A 84 -18.04 7.07 32.40
C ILE A 84 -18.11 6.28 33.70
N ASN A 85 -17.22 5.31 33.86
CA ASN A 85 -17.21 4.53 35.09
C ASN A 85 -15.90 4.67 35.88
N ASN A 86 -15.24 5.80 35.66
CA ASN A 86 -14.00 6.14 36.35
C ASN A 86 -13.98 7.65 36.59
N THR A 87 -14.31 8.08 37.82
CA THR A 87 -14.37 9.50 38.13
C THR A 87 -13.03 10.22 38.08
N LYS A 88 -11.95 9.49 38.26
CA LYS A 88 -10.64 10.14 38.20
C LYS A 88 -10.29 10.51 36.77
N SER A 89 -10.76 9.70 35.82
CA SER A 89 -10.50 9.98 34.43
C SER A 89 -11.23 11.26 34.04
N PHE A 90 -12.43 11.46 34.60
CA PHE A 90 -13.21 12.65 34.32
C PHE A 90 -12.55 13.88 34.99
N GLU A 91 -11.89 13.66 36.12
CA GLU A 91 -11.22 14.73 36.85
C GLU A 91 -9.86 15.05 36.21
N ASP A 92 -9.34 14.14 35.40
CA ASP A 92 -8.06 14.36 34.72
C ASP A 92 -8.22 15.22 33.46
N ILE A 93 -9.44 15.28 32.93
CA ILE A 93 -9.70 16.06 31.73
C ILE A 93 -9.18 17.48 31.84
N HIS A 94 -9.49 18.14 32.96
CA HIS A 94 -9.07 19.51 33.21
C HIS A 94 -7.60 19.74 32.85
N GLN A 95 -6.75 18.81 33.26
CA GLN A 95 -5.32 18.89 33.00
C GLN A 95 -4.97 18.80 31.52
N TYR A 96 -5.55 17.82 30.84
CA TYR A 96 -5.29 17.65 29.42
C TYR A 96 -5.74 18.86 28.60
N ARG A 97 -6.83 19.50 29.01
CA ARG A 97 -7.37 20.65 28.32
C ARG A 97 -6.37 21.79 28.48
N GLU A 98 -5.88 21.97 29.70
CA GLU A 98 -4.90 23.01 30.00
C GLU A 98 -3.61 22.76 29.24
N GLN A 99 -3.15 21.51 29.21
CA GLN A 99 -1.92 21.16 28.49
C GLN A 99 -2.05 21.61 27.03
N ILE A 100 -3.18 21.30 26.40
CA ILE A 100 -3.44 21.67 25.01
C ILE A 100 -3.45 23.19 24.84
N LYS A 101 -4.15 23.89 25.75
CA LYS A 101 -4.24 25.35 25.70
C LYS A 101 -2.84 25.97 25.80
N ARG A 102 -1.95 25.31 26.53
CA ARG A 102 -0.61 25.84 26.74
C ARG A 102 0.29 25.56 25.55
N VAL A 103 0.33 24.31 25.12
CA VAL A 103 1.18 23.97 24.00
C VAL A 103 0.80 24.83 22.76
N LYS A 104 -0.44 24.67 22.29
CA LYS A 104 -0.85 25.36 21.09
C LYS A 104 -1.10 26.83 21.34
N ASP A 105 -0.88 27.25 22.58
CA ASP A 105 -1.05 28.64 22.97
C ASP A 105 -2.30 29.25 22.34
N SER A 106 -3.46 28.71 22.70
CA SER A 106 -4.72 29.21 22.18
C SER A 106 -5.86 28.73 23.07
N ASP A 107 -6.88 29.56 23.19
CA ASP A 107 -8.03 29.20 24.02
C ASP A 107 -9.19 28.81 23.10
N ASP A 108 -8.87 28.55 21.83
CA ASP A 108 -9.90 28.24 20.86
C ASP A 108 -9.57 27.01 20.03
N VAL A 109 -8.91 26.02 20.60
CA VAL A 109 -8.54 24.84 19.86
C VAL A 109 -9.74 23.91 19.70
N PRO A 110 -9.92 23.32 18.50
CA PRO A 110 -11.04 22.41 18.23
C PRO A 110 -10.94 21.11 19.00
N MET A 111 -11.96 20.77 19.78
CA MET A 111 -11.91 19.51 20.50
C MET A 111 -13.30 19.02 20.91
N VAL A 112 -13.37 17.72 21.20
CA VAL A 112 -14.62 17.09 21.60
C VAL A 112 -14.39 16.35 22.92
N LEU A 113 -15.33 16.46 23.86
CA LEU A 113 -15.22 15.76 25.14
C LEU A 113 -15.85 14.42 24.87
N VAL A 114 -15.08 13.35 25.09
CA VAL A 114 -15.60 12.01 24.88
C VAL A 114 -15.75 11.19 26.17
N GLY A 115 -16.96 10.73 26.44
CA GLY A 115 -17.22 9.91 27.61
C GLY A 115 -17.36 8.51 27.07
N ASN A 116 -16.29 7.76 27.20
CA ASN A 116 -16.26 6.40 26.69
C ASN A 116 -16.71 5.31 27.66
N LYS A 117 -16.92 4.12 27.07
CA LYS A 117 -17.34 2.90 27.77
C LYS A 117 -18.80 2.91 28.19
N CYS A 118 -19.64 3.59 27.42
CA CYS A 118 -21.06 3.73 27.76
C CYS A 118 -21.87 2.45 27.60
N ASP A 119 -21.22 1.37 27.22
CA ASP A 119 -21.89 0.08 27.08
C ASP A 119 -21.96 -0.59 28.47
N LEU A 120 -21.13 -0.12 29.39
CA LEU A 120 -21.12 -0.66 30.75
C LEU A 120 -22.28 -0.09 31.56
N ALA A 121 -22.74 -0.87 32.54
CA ALA A 121 -23.86 -0.43 33.39
C ALA A 121 -23.41 0.32 34.64
N ALA A 122 -22.17 0.10 35.07
CA ALA A 122 -21.67 0.73 36.30
C ALA A 122 -21.17 2.15 36.11
N ARG A 123 -22.06 3.06 35.73
CA ARG A 123 -21.69 4.46 35.53
C ARG A 123 -21.41 5.23 36.83
N THR A 124 -20.38 6.07 36.80
CA THR A 124 -20.02 6.88 37.96
C THR A 124 -19.92 8.38 37.63
N VAL A 125 -20.03 8.73 36.36
CA VAL A 125 -20.00 10.14 35.95
C VAL A 125 -21.34 10.41 35.27
N GLU A 126 -22.01 11.49 35.65
CA GLU A 126 -23.31 11.78 35.06
C GLU A 126 -23.22 12.54 33.76
N SER A 127 -24.05 12.16 32.79
CA SER A 127 -24.06 12.84 31.50
C SER A 127 -24.14 14.35 31.72
N ARG A 128 -25.06 14.77 32.57
CA ARG A 128 -25.26 16.18 32.90
C ARG A 128 -23.97 16.83 33.42
N GLN A 129 -23.21 16.08 34.21
CA GLN A 129 -21.93 16.54 34.79
C GLN A 129 -20.91 16.83 33.67
N ALA A 130 -20.76 15.86 32.76
CA ALA A 130 -19.86 16.00 31.62
C ALA A 130 -20.35 17.07 30.65
N GLN A 131 -21.65 17.05 30.39
CA GLN A 131 -22.31 18.00 29.50
C GLN A 131 -21.98 19.41 29.96
N ASP A 132 -22.05 19.66 31.29
CA ASP A 132 -21.77 20.99 31.82
C ASP A 132 -20.31 21.38 31.62
N LEU A 133 -19.42 20.40 31.72
CA LEU A 133 -18.00 20.68 31.51
C LEU A 133 -17.76 21.06 30.03
N ALA A 134 -18.36 20.29 29.13
CA ALA A 134 -18.23 20.56 27.71
C ALA A 134 -18.73 21.96 27.37
N ARG A 135 -19.91 22.31 27.89
CA ARG A 135 -20.49 23.62 27.62
C ARG A 135 -19.52 24.72 28.07
N SER A 136 -18.86 24.54 29.22
CA SER A 136 -17.94 25.57 29.69
C SER A 136 -16.69 25.64 28.82
N TYR A 137 -16.39 24.57 28.10
CA TYR A 137 -15.25 24.56 27.19
C TYR A 137 -15.68 25.01 25.79
N GLY A 138 -16.99 25.11 25.60
CA GLY A 138 -17.50 25.49 24.29
C GLY A 138 -17.31 24.40 23.26
N ILE A 139 -17.43 23.14 23.69
CA ILE A 139 -17.31 22.00 22.80
C ILE A 139 -18.41 20.97 23.03
N PRO A 140 -18.63 20.07 22.07
CA PRO A 140 -19.66 19.04 22.19
C PRO A 140 -19.24 17.89 23.07
N TYR A 141 -20.22 17.13 23.55
CA TYR A 141 -19.96 16.00 24.42
C TYR A 141 -20.58 14.80 23.77
N ILE A 142 -19.78 13.76 23.58
CA ILE A 142 -20.27 12.56 22.93
C ILE A 142 -19.91 11.29 23.68
N GLU A 143 -20.92 10.56 24.13
CA GLU A 143 -20.66 9.32 24.84
C GLU A 143 -20.50 8.21 23.82
N THR A 144 -19.48 7.39 24.04
CA THR A 144 -19.20 6.32 23.09
C THR A 144 -18.85 5.00 23.73
N SER A 145 -18.79 3.98 22.89
CA SER A 145 -18.42 2.65 23.34
C SER A 145 -17.55 2.06 22.24
N ALA A 146 -16.26 1.94 22.50
CA ALA A 146 -15.36 1.37 21.51
C ALA A 146 -15.67 -0.11 21.30
N LYS A 147 -16.37 -0.70 22.26
CA LYS A 147 -16.71 -2.09 22.16
C LYS A 147 -17.88 -2.32 21.21
N THR A 148 -18.90 -1.44 21.24
CA THR A 148 -20.09 -1.60 20.40
C THR A 148 -20.15 -0.70 19.16
N ARG A 149 -19.24 0.28 19.11
CA ARG A 149 -19.14 1.25 18.01
C ARG A 149 -20.08 2.44 18.22
N GLN A 150 -20.90 2.36 19.26
CA GLN A 150 -21.83 3.44 19.53
C GLN A 150 -21.09 4.76 19.68
N GLY A 151 -21.58 5.78 18.98
CA GLY A 151 -21.00 7.12 19.03
C GLY A 151 -19.57 7.29 18.54
N VAL A 152 -18.90 6.18 18.22
CA VAL A 152 -17.52 6.25 17.78
C VAL A 152 -17.31 7.17 16.56
N GLU A 153 -17.98 6.89 15.46
CA GLU A 153 -17.84 7.74 14.29
C GLU A 153 -18.27 9.16 14.60
N ASP A 154 -19.37 9.30 15.33
CA ASP A 154 -19.86 10.60 15.69
C ASP A 154 -18.73 11.44 16.32
N ALA A 155 -18.09 10.88 17.34
CA ALA A 155 -17.02 11.58 18.04
C ALA A 155 -15.93 12.09 17.10
N PHE A 156 -15.34 11.15 16.35
CA PHE A 156 -14.28 11.49 15.40
C PHE A 156 -14.72 12.43 14.30
N TYR A 157 -15.79 12.11 13.60
CA TYR A 157 -16.23 13.00 12.53
C TYR A 157 -16.73 14.35 13.04
N THR A 158 -17.27 14.38 14.26
CA THR A 158 -17.74 15.65 14.79
C THR A 158 -16.48 16.51 14.94
N LEU A 159 -15.37 15.89 15.34
CA LEU A 159 -14.13 16.64 15.53
C LEU A 159 -13.66 17.21 14.21
N VAL A 160 -13.77 16.41 13.17
CA VAL A 160 -13.37 16.84 11.85
C VAL A 160 -14.17 18.07 11.42
N ARG A 161 -15.49 18.04 11.60
CA ARG A 161 -16.32 19.18 11.24
C ARG A 161 -15.92 20.43 12.02
N GLU A 162 -15.40 20.25 13.23
CA GLU A 162 -14.98 21.40 14.04
C GLU A 162 -13.67 22.00 13.56
N ILE A 163 -12.81 21.17 12.97
CA ILE A 163 -11.54 21.62 12.45
C ILE A 163 -11.71 22.30 11.11
N ARG A 164 -12.67 21.81 10.33
CA ARG A 164 -12.97 22.36 9.02
C ARG A 164 -13.65 23.73 9.14
N GLN A 165 -14.60 23.87 10.06
CA GLN A 165 -15.32 25.14 10.27
C GLN A 165 -14.49 26.14 11.08
N HIS A 166 -13.40 25.67 11.67
CA HIS A 166 -12.54 26.55 12.47
C HIS A 166 -11.60 27.39 11.60
N MET B 1 2.99 19.18 -32.03
CA MET B 1 4.03 18.17 -32.40
C MET B 1 3.54 16.74 -32.22
N THR B 2 4.29 15.82 -32.80
CA THR B 2 3.95 14.41 -32.74
C THR B 2 4.37 13.72 -31.44
N GLU B 3 3.53 12.82 -30.96
CA GLU B 3 3.84 12.07 -29.77
C GLU B 3 3.94 10.61 -30.17
N TYR B 4 4.97 9.93 -29.68
CA TYR B 4 5.16 8.52 -29.98
C TYR B 4 4.91 7.68 -28.75
N LYS B 5 3.93 6.79 -28.84
CA LYS B 5 3.60 5.92 -27.72
C LYS B 5 4.46 4.67 -27.84
N LEU B 6 5.51 4.61 -27.02
CA LEU B 6 6.42 3.47 -27.06
C LEU B 6 6.22 2.50 -25.90
N VAL B 7 6.14 1.21 -26.22
CA VAL B 7 5.94 0.17 -25.22
C VAL B 7 7.18 -0.70 -24.99
N VAL B 8 7.62 -0.82 -23.74
CA VAL B 8 8.79 -1.64 -23.40
C VAL B 8 8.36 -3.02 -22.87
N VAL B 9 8.49 -4.04 -23.69
CA VAL B 9 8.07 -5.38 -23.29
C VAL B 9 9.24 -6.31 -23.00
N GLY B 10 8.94 -7.46 -22.39
CA GLY B 10 9.96 -8.44 -22.05
C GLY B 10 9.76 -9.06 -20.67
N ALA B 11 10.42 -10.19 -20.45
CA ALA B 11 10.35 -10.91 -19.19
C ALA B 11 10.72 -10.04 -17.99
N GLY B 12 10.23 -10.43 -16.81
CA GLY B 12 10.56 -9.68 -15.62
C GLY B 12 12.03 -9.88 -15.27
N GLY B 13 12.67 -8.85 -14.71
CA GLY B 13 14.07 -8.95 -14.35
C GLY B 13 15.10 -8.50 -15.39
N VAL B 14 14.70 -8.35 -16.64
CA VAL B 14 15.64 -7.95 -17.69
C VAL B 14 16.03 -6.47 -17.70
N GLY B 15 15.53 -5.70 -16.74
CA GLY B 15 15.88 -4.29 -16.69
C GLY B 15 15.05 -3.31 -17.52
N LYS B 16 13.82 -3.67 -17.83
CA LYS B 16 12.93 -2.80 -18.61
C LYS B 16 12.71 -1.48 -17.88
N SER B 17 12.61 -1.57 -16.56
CA SER B 17 12.37 -0.39 -15.73
C SER B 17 13.54 0.59 -15.74
N ALA B 18 14.76 0.06 -15.60
CA ALA B 18 15.95 0.91 -15.59
C ALA B 18 16.13 1.66 -16.90
N LEU B 19 15.78 1.01 -18.01
CA LEU B 19 15.86 1.64 -19.33
C LEU B 19 14.96 2.87 -19.40
N THR B 20 13.69 2.68 -19.06
CA THR B 20 12.72 3.77 -19.11
C THR B 20 13.18 4.92 -18.24
N ILE B 21 13.66 4.60 -17.03
CA ILE B 21 14.12 5.63 -16.10
C ILE B 21 15.30 6.40 -16.69
N GLN B 22 16.30 5.65 -17.14
CA GLN B 22 17.50 6.24 -17.74
C GLN B 22 17.21 7.19 -18.90
N LEU B 23 16.12 6.94 -19.59
CA LEU B 23 15.73 7.77 -20.71
C LEU B 23 14.98 9.01 -20.26
N ILE B 24 14.07 8.83 -19.30
CA ILE B 24 13.21 9.90 -18.80
C ILE B 24 13.72 10.76 -17.67
N GLN B 25 14.27 10.12 -16.64
CA GLN B 25 14.74 10.84 -15.45
C GLN B 25 15.88 11.83 -15.69
N ASN B 26 16.19 12.57 -14.64
CA ASN B 26 17.25 13.56 -14.65
C ASN B 26 18.44 12.85 -14.03
N HIS B 27 19.55 12.76 -14.74
CA HIS B 27 20.72 12.08 -14.23
C HIS B 27 21.53 12.92 -13.25
N PHE B 28 21.03 14.11 -12.93
CA PHE B 28 21.78 14.94 -12.02
C PHE B 28 20.94 15.57 -10.93
N VAL B 29 20.27 14.70 -10.18
CA VAL B 29 19.43 15.09 -9.04
C VAL B 29 19.50 13.94 -8.03
N ASP B 30 19.71 14.28 -6.76
CA ASP B 30 19.82 13.28 -5.71
C ASP B 30 18.57 12.40 -5.54
N GLU B 31 17.39 12.92 -5.86
CA GLU B 31 16.18 12.13 -5.65
C GLU B 31 15.22 12.00 -6.81
N TYR B 32 14.66 10.79 -6.93
CA TYR B 32 13.70 10.44 -7.96
C TYR B 32 12.41 9.89 -7.35
N ASP B 33 11.27 10.42 -7.82
CA ASP B 33 9.97 9.99 -7.31
C ASP B 33 8.99 9.73 -8.44
N PRO B 34 8.91 8.46 -8.90
CA PRO B 34 8.01 8.09 -9.99
C PRO B 34 6.55 8.31 -9.63
N THR B 35 6.29 8.70 -8.39
CA THR B 35 4.94 8.97 -7.92
C THR B 35 4.65 10.45 -8.20
N ILE B 36 5.13 10.93 -9.35
CA ILE B 36 4.94 12.31 -9.78
C ILE B 36 4.67 12.33 -11.27
N GLU B 37 3.52 12.90 -11.63
CA GLU B 37 3.04 13.00 -13.00
C GLU B 37 4.07 13.24 -14.10
N ASP B 38 3.85 12.56 -15.21
CA ASP B 38 4.68 12.64 -16.40
C ASP B 38 6.11 12.14 -16.25
N SER B 39 6.28 11.06 -15.49
CA SER B 39 7.60 10.48 -15.35
C SER B 39 7.64 9.46 -16.49
N TYR B 40 6.84 9.73 -17.52
CA TYR B 40 6.78 8.88 -18.70
C TYR B 40 6.88 9.66 -20.02
N ARG B 41 6.69 10.97 -19.95
CA ARG B 41 6.77 11.83 -21.14
C ARG B 41 8.19 12.38 -21.22
N LYS B 42 8.58 12.89 -22.39
CA LYS B 42 9.92 13.47 -22.58
C LYS B 42 10.00 14.10 -23.94
N GLN B 43 10.36 15.37 -24.00
CA GLN B 43 10.48 16.07 -25.28
C GLN B 43 11.92 15.94 -25.77
N VAL B 44 12.09 15.33 -26.93
CA VAL B 44 13.42 15.12 -27.49
C VAL B 44 13.47 15.50 -28.96
N VAL B 45 14.68 15.69 -29.47
CA VAL B 45 14.86 16.01 -30.87
C VAL B 45 15.53 14.82 -31.52
N ILE B 46 14.91 14.27 -32.55
CA ILE B 46 15.45 13.11 -33.25
C ILE B 46 15.59 13.46 -34.72
N ASP B 47 16.83 13.43 -35.20
CA ASP B 47 17.15 13.78 -36.57
C ASP B 47 16.62 15.19 -36.81
N GLY B 48 16.94 16.10 -35.89
CA GLY B 48 16.50 17.48 -36.01
C GLY B 48 15.03 17.68 -35.76
N GLU B 49 14.21 16.65 -36.00
CA GLU B 49 12.77 16.75 -35.81
C GLU B 49 12.39 16.56 -34.34
N THR B 50 11.76 17.58 -33.75
CA THR B 50 11.32 17.51 -32.36
C THR B 50 10.08 16.63 -32.23
N CYS B 51 9.89 16.05 -31.06
CA CYS B 51 8.75 15.19 -30.81
C CYS B 51 8.65 14.80 -29.33
N LEU B 52 7.51 14.24 -28.95
CA LEU B 52 7.29 13.86 -27.57
C LEU B 52 7.19 12.34 -27.40
N LEU B 53 8.03 11.82 -26.52
CA LEU B 53 8.06 10.39 -26.23
C LEU B 53 7.16 10.05 -25.04
N ASP B 54 6.29 9.06 -25.23
CA ASP B 54 5.39 8.62 -24.18
C ASP B 54 5.70 7.16 -23.94
N ILE B 55 6.51 6.90 -22.92
CA ILE B 55 6.89 5.53 -22.60
C ILE B 55 5.88 4.80 -21.73
N LEU B 56 5.26 3.78 -22.32
CA LEU B 56 4.28 2.96 -21.61
C LEU B 56 5.08 1.78 -21.07
N ASP B 57 5.49 1.91 -19.80
CA ASP B 57 6.28 0.90 -19.12
C ASP B 57 5.55 0.33 -17.90
N THR B 58 5.40 -0.99 -17.84
CA THR B 58 4.69 -1.63 -16.72
C THR B 58 5.55 -2.63 -15.96
N ALA B 59 6.83 -2.31 -15.82
CA ALA B 59 7.72 -3.21 -15.09
C ALA B 59 7.10 -3.50 -13.73
N GLY B 60 7.29 -4.72 -13.24
CA GLY B 60 6.75 -5.11 -11.95
C GLY B 60 5.39 -5.75 -12.07
N GLN B 61 4.71 -5.51 -13.18
CA GLN B 61 3.38 -6.05 -13.41
C GLN B 61 3.38 -7.27 -14.35
N GLU B 62 4.55 -7.86 -14.56
CA GLU B 62 4.65 -9.01 -15.46
C GLU B 62 3.70 -10.16 -15.13
N GLU B 63 3.55 -10.51 -13.86
CA GLU B 63 2.68 -11.61 -13.45
C GLU B 63 1.21 -11.44 -13.88
N TYR B 64 0.80 -10.19 -14.14
CA TYR B 64 -0.56 -9.90 -14.58
C TYR B 64 -0.63 -10.21 -16.07
N SER B 65 -0.25 -11.42 -16.45
CA SER B 65 -0.24 -11.86 -17.85
C SER B 65 -1.46 -11.58 -18.72
N ALA B 66 -2.65 -11.67 -18.15
CA ALA B 66 -3.87 -11.43 -18.91
C ALA B 66 -4.13 -9.95 -19.20
N MET B 67 -3.29 -9.06 -18.67
CA MET B 67 -3.47 -7.63 -18.91
C MET B 67 -2.56 -7.16 -20.02
N ARG B 68 -1.66 -8.04 -20.44
CA ARG B 68 -0.69 -7.75 -21.49
C ARG B 68 -1.30 -7.20 -22.81
N ASP B 69 -2.26 -7.90 -23.40
CA ASP B 69 -2.87 -7.42 -24.63
C ASP B 69 -3.35 -5.98 -24.53
N GLN B 70 -4.03 -5.65 -23.44
CA GLN B 70 -4.54 -4.30 -23.25
C GLN B 70 -3.41 -3.27 -23.28
N TYR B 71 -2.37 -3.50 -22.49
CA TYR B 71 -1.23 -2.60 -22.40
C TYR B 71 -0.52 -2.40 -23.75
N MET B 72 -0.40 -3.47 -24.52
CA MET B 72 0.28 -3.43 -25.81
C MET B 72 -0.46 -2.73 -26.96
N ARG B 73 -1.78 -2.84 -27.01
CA ARG B 73 -2.54 -2.28 -28.13
C ARG B 73 -2.34 -0.79 -28.39
N THR B 74 -2.15 -0.01 -27.33
CA THR B 74 -1.97 1.44 -27.49
C THR B 74 -0.58 1.84 -28.00
N GLY B 75 0.38 0.93 -27.95
CA GLY B 75 1.71 1.25 -28.41
C GLY B 75 1.83 1.33 -29.92
N GLU B 76 2.76 2.14 -30.40
CA GLU B 76 2.99 2.32 -31.84
C GLU B 76 4.29 1.60 -32.21
N GLY B 77 5.23 1.58 -31.29
CA GLY B 77 6.50 0.91 -31.53
C GLY B 77 6.81 0.15 -30.25
N PHE B 78 7.53 -0.97 -30.40
CA PHE B 78 7.87 -1.78 -29.23
C PHE B 78 9.36 -2.10 -29.05
N LEU B 79 9.79 -2.10 -27.79
CA LEU B 79 11.17 -2.43 -27.45
C LEU B 79 11.06 -3.81 -26.82
N CYS B 80 11.55 -4.84 -27.53
CA CYS B 80 11.52 -6.21 -27.01
C CYS B 80 12.87 -6.47 -26.36
N VAL B 81 12.91 -6.33 -25.04
CA VAL B 81 14.12 -6.46 -24.22
C VAL B 81 14.34 -7.84 -23.62
N PHE B 82 15.61 -8.19 -23.42
CA PHE B 82 16.00 -9.44 -22.79
C PHE B 82 17.32 -9.18 -22.11
N ALA B 83 17.71 -10.05 -21.17
CA ALA B 83 18.98 -9.85 -20.47
C ALA B 83 20.01 -10.74 -21.12
N ILE B 84 21.20 -10.19 -21.32
CA ILE B 84 22.24 -10.98 -21.98
C ILE B 84 22.74 -12.12 -21.12
N ASN B 85 22.42 -12.07 -19.82
CA ASN B 85 22.83 -13.16 -18.92
C ASN B 85 21.66 -14.05 -18.55
N ASN B 86 20.60 -14.01 -19.34
CA ASN B 86 19.42 -14.83 -19.07
C ASN B 86 18.91 -15.42 -20.37
N THR B 87 19.26 -16.67 -20.63
CA THR B 87 18.81 -17.29 -21.87
C THR B 87 17.28 -17.44 -21.96
N LYS B 88 16.62 -17.66 -20.83
CA LYS B 88 15.17 -17.81 -20.84
C LYS B 88 14.56 -16.55 -21.46
N SER B 89 14.94 -15.39 -20.92
CA SER B 89 14.43 -14.10 -21.40
C SER B 89 14.66 -13.95 -22.90
N PHE B 90 15.80 -14.43 -23.38
CA PHE B 90 16.12 -14.35 -24.80
C PHE B 90 15.21 -15.28 -25.59
N GLU B 91 15.02 -16.49 -25.09
CA GLU B 91 14.16 -17.47 -25.78
C GLU B 91 12.67 -17.11 -25.70
N ASP B 92 12.33 -16.18 -24.81
CA ASP B 92 10.95 -15.70 -24.65
C ASP B 92 10.57 -14.73 -25.77
N ILE B 93 11.50 -13.86 -26.15
CA ILE B 93 11.29 -12.86 -27.20
C ILE B 93 10.38 -13.32 -28.33
N HIS B 94 10.63 -14.51 -28.86
CA HIS B 94 9.81 -14.98 -29.96
C HIS B 94 8.30 -14.84 -29.70
N GLN B 95 7.85 -15.17 -28.50
CA GLN B 95 6.43 -15.08 -28.18
C GLN B 95 5.95 -13.66 -27.94
N TYR B 96 6.82 -12.81 -27.43
CA TYR B 96 6.45 -11.42 -27.20
C TYR B 96 6.16 -10.78 -28.55
N ARG B 97 6.94 -11.18 -29.55
CA ARG B 97 6.78 -10.67 -30.89
C ARG B 97 5.45 -11.14 -31.47
N GLU B 98 5.20 -12.44 -31.39
CA GLU B 98 3.96 -13.00 -31.91
C GLU B 98 2.75 -12.38 -31.24
N GLN B 99 2.86 -12.08 -29.96
CA GLN B 99 1.77 -11.46 -29.22
C GLN B 99 1.53 -10.03 -29.72
N ILE B 100 2.61 -9.31 -30.01
CA ILE B 100 2.49 -7.95 -30.50
C ILE B 100 1.85 -7.95 -31.88
N LYS B 101 2.25 -8.91 -32.72
CA LYS B 101 1.68 -8.99 -34.06
C LYS B 101 0.19 -9.25 -33.96
N ARG B 102 -0.18 -10.06 -32.97
CA ARG B 102 -1.57 -10.38 -32.76
C ARG B 102 -2.41 -9.22 -32.23
N VAL B 103 -1.95 -8.53 -31.20
CA VAL B 103 -2.73 -7.42 -30.66
C VAL B 103 -2.86 -6.24 -31.60
N LYS B 104 -1.83 -5.99 -32.41
CA LYS B 104 -1.83 -4.87 -33.36
C LYS B 104 -2.43 -5.34 -34.68
N ASP B 105 -2.63 -6.65 -34.80
CA ASP B 105 -3.18 -7.28 -36.00
C ASP B 105 -2.50 -6.71 -37.24
N SER B 106 -1.19 -6.96 -37.30
CA SER B 106 -0.36 -6.52 -38.40
C SER B 106 0.84 -7.44 -38.37
N ASP B 107 1.54 -7.57 -39.50
CA ASP B 107 2.69 -8.43 -39.52
C ASP B 107 3.94 -7.60 -39.35
N ASP B 108 3.91 -6.33 -39.77
CA ASP B 108 5.07 -5.48 -39.60
C ASP B 108 4.82 -4.32 -38.64
N VAL B 109 5.04 -4.60 -37.36
CA VAL B 109 4.84 -3.60 -36.32
C VAL B 109 6.23 -3.06 -35.98
N PRO B 110 6.40 -1.74 -35.99
CA PRO B 110 7.72 -1.16 -35.68
C PRO B 110 8.27 -1.67 -34.35
N MET B 111 9.43 -2.33 -34.41
CA MET B 111 10.04 -2.81 -33.18
C MET B 111 11.54 -3.02 -33.23
N VAL B 112 12.14 -2.97 -32.05
CA VAL B 112 13.58 -3.12 -31.89
C VAL B 112 13.90 -4.18 -30.83
N LEU B 113 14.86 -5.06 -31.12
CA LEU B 113 15.28 -6.07 -30.15
C LEU B 113 16.39 -5.45 -29.31
N VAL B 114 16.21 -5.44 -27.99
CA VAL B 114 17.19 -4.86 -27.09
C VAL B 114 17.78 -5.88 -26.13
N GLY B 115 19.11 -6.01 -26.13
CA GLY B 115 19.78 -6.94 -25.24
C GLY B 115 20.41 -6.09 -24.17
N ASN B 116 19.98 -6.26 -22.92
CA ASN B 116 20.50 -5.43 -21.84
C ASN B 116 21.43 -6.13 -20.86
N LYS B 117 22.44 -5.38 -20.42
CA LYS B 117 23.41 -5.86 -19.44
C LYS B 117 22.91 -5.32 -18.10
N CYS B 118 22.38 -6.22 -17.27
CA CYS B 118 21.81 -5.85 -15.97
C CYS B 118 22.87 -5.68 -14.90
N ASP B 119 23.70 -6.70 -14.78
CA ASP B 119 24.76 -6.72 -13.78
C ASP B 119 26.10 -7.14 -14.38
N LEU B 120 26.99 -7.61 -13.52
CA LEU B 120 28.32 -8.03 -13.92
C LEU B 120 28.46 -9.55 -14.12
N ALA B 121 27.36 -10.26 -13.90
CA ALA B 121 27.36 -11.72 -14.04
C ALA B 121 27.74 -12.15 -15.45
N ALA B 122 28.03 -13.46 -15.62
CA ALA B 122 28.45 -14.01 -16.91
C ALA B 122 27.43 -13.94 -18.02
N ARG B 123 27.81 -13.31 -19.12
CA ARG B 123 26.93 -13.19 -20.28
C ARG B 123 26.64 -14.60 -20.79
N THR B 124 25.40 -14.87 -21.19
CA THR B 124 25.07 -16.20 -21.69
C THR B 124 24.44 -16.18 -23.07
N VAL B 125 24.27 -14.98 -23.61
CA VAL B 125 23.73 -14.81 -24.95
C VAL B 125 24.74 -13.90 -25.62
N GLU B 126 25.34 -14.39 -26.70
CA GLU B 126 26.33 -13.60 -27.43
C GLU B 126 25.63 -12.71 -28.45
N SER B 127 26.31 -11.62 -28.83
CA SER B 127 25.77 -10.68 -29.79
C SER B 127 25.34 -11.35 -31.07
N ARG B 128 26.18 -12.23 -31.61
CA ARG B 128 25.84 -12.89 -32.86
C ARG B 128 24.48 -13.60 -32.81
N GLN B 129 24.23 -14.28 -31.70
CA GLN B 129 22.97 -14.97 -31.51
C GLN B 129 21.83 -13.97 -31.66
N ALA B 130 21.88 -12.94 -30.83
CA ALA B 130 20.86 -11.89 -30.82
C ALA B 130 20.79 -11.22 -32.17
N GLN B 131 21.96 -10.90 -32.71
CA GLN B 131 22.07 -10.24 -33.99
C GLN B 131 21.35 -11.08 -35.06
N ASP B 132 21.62 -12.39 -35.07
CA ASP B 132 20.99 -13.30 -36.03
C ASP B 132 19.48 -13.37 -35.86
N LEU B 133 19.02 -13.37 -34.61
CA LEU B 133 17.59 -13.41 -34.34
C LEU B 133 16.92 -12.16 -34.88
N ALA B 134 17.54 -11.02 -34.62
CA ALA B 134 17.03 -9.74 -35.09
C ALA B 134 16.95 -9.72 -36.61
N ARG B 135 17.93 -10.31 -37.27
CA ARG B 135 17.93 -10.30 -38.72
C ARG B 135 16.79 -11.15 -39.26
N SER B 136 16.54 -12.28 -38.60
CA SER B 136 15.49 -13.16 -39.05
C SER B 136 14.14 -12.46 -38.93
N TYR B 137 13.99 -11.58 -37.95
CA TYR B 137 12.74 -10.85 -37.77
C TYR B 137 12.72 -9.59 -38.64
N GLY B 138 13.88 -9.23 -39.18
CA GLY B 138 13.97 -8.04 -40.00
C GLY B 138 13.86 -6.75 -39.19
N ILE B 139 14.34 -6.78 -37.95
CA ILE B 139 14.29 -5.61 -37.09
C ILE B 139 15.71 -5.35 -36.57
N PRO B 140 15.96 -4.13 -36.06
CA PRO B 140 17.28 -3.74 -35.54
C PRO B 140 17.62 -4.40 -34.20
N TYR B 141 18.90 -4.43 -33.87
CA TYR B 141 19.35 -4.98 -32.60
C TYR B 141 20.25 -3.97 -31.89
N ILE B 142 19.93 -3.67 -30.64
CA ILE B 142 20.72 -2.72 -29.85
C ILE B 142 21.03 -3.29 -28.47
N GLU B 143 22.31 -3.33 -28.12
CA GLU B 143 22.75 -3.82 -26.83
C GLU B 143 22.92 -2.61 -25.94
N THR B 144 22.36 -2.68 -24.73
CA THR B 144 22.43 -1.55 -23.82
C THR B 144 22.86 -1.99 -22.43
N SER B 145 23.34 -1.03 -21.67
CA SER B 145 23.75 -1.24 -20.29
C SER B 145 23.14 -0.05 -19.56
N ALA B 146 21.83 -0.11 -19.35
CA ALA B 146 21.11 0.96 -18.68
C ALA B 146 21.80 1.41 -17.40
N LYS B 147 22.57 0.50 -16.80
CA LYS B 147 23.31 0.75 -15.57
C LYS B 147 24.47 1.74 -15.77
N THR B 148 24.93 1.87 -17.01
CA THR B 148 26.03 2.77 -17.33
C THR B 148 25.56 3.80 -18.36
N ARG B 149 24.25 3.81 -18.59
CA ARG B 149 23.67 4.73 -19.56
C ARG B 149 24.27 4.58 -20.94
N GLN B 150 24.42 3.35 -21.40
CA GLN B 150 24.97 3.10 -22.73
C GLN B 150 23.95 2.44 -23.64
N GLY B 151 23.69 3.09 -24.76
CA GLY B 151 22.75 2.52 -25.72
C GLY B 151 21.29 2.85 -25.50
N VAL B 152 20.96 3.40 -24.34
CA VAL B 152 19.59 3.75 -24.04
C VAL B 152 18.95 4.66 -25.08
N GLU B 153 19.48 5.87 -25.25
CA GLU B 153 18.93 6.80 -26.23
C GLU B 153 18.91 6.14 -27.59
N ASP B 154 19.98 5.42 -27.87
CA ASP B 154 20.16 4.73 -29.12
C ASP B 154 19.00 3.78 -29.39
N ALA B 155 18.61 3.01 -28.37
CA ALA B 155 17.52 2.06 -28.50
C ALA B 155 16.15 2.72 -28.78
N PHE B 156 15.82 3.75 -28.03
CA PHE B 156 14.53 4.41 -28.21
C PHE B 156 14.44 5.19 -29.53
N TYR B 157 15.47 5.97 -29.85
CA TYR B 157 15.48 6.76 -31.08
C TYR B 157 15.42 5.83 -32.31
N THR B 158 16.08 4.68 -32.23
CA THR B 158 16.07 3.75 -33.35
C THR B 158 14.65 3.28 -33.60
N LEU B 159 13.89 3.15 -32.52
CA LEU B 159 12.49 2.74 -32.60
C LEU B 159 11.68 3.87 -33.21
N VAL B 160 11.95 5.10 -32.78
CA VAL B 160 11.23 6.25 -33.31
C VAL B 160 11.46 6.35 -34.81
N ARG B 161 12.67 6.01 -35.25
CA ARG B 161 12.99 6.05 -36.68
C ARG B 161 12.25 4.91 -37.38
N GLU B 162 12.05 3.81 -36.67
CA GLU B 162 11.33 2.67 -37.21
C GLU B 162 9.90 3.08 -37.50
N ILE B 163 9.30 3.80 -36.56
CA ILE B 163 7.93 4.25 -36.70
C ILE B 163 7.80 5.23 -37.87
N ARG B 164 8.76 6.14 -37.99
CA ARG B 164 8.75 7.13 -39.06
C ARG B 164 8.90 6.46 -40.42
N GLN B 165 10.00 5.72 -40.59
CA GLN B 165 10.25 5.02 -41.85
C GLN B 165 9.15 4.00 -42.18
N HIS B 166 8.36 3.60 -41.19
CA HIS B 166 7.29 2.65 -41.43
C HIS B 166 6.20 3.27 -42.29
N GLN C 1 21.41 25.80 28.42
CA GLN C 1 20.94 24.57 27.72
C GLN C 1 20.91 23.33 28.62
N MET C 2 20.91 22.16 27.97
CA MET C 2 20.88 20.86 28.66
C MET C 2 22.00 19.96 28.16
N ARG C 3 22.95 19.65 29.04
CA ARG C 3 24.08 18.82 28.66
C ARG C 3 23.75 17.35 28.35
N LEU C 4 24.29 16.86 27.24
CA LEU C 4 24.08 15.50 26.80
C LEU C 4 25.19 14.66 27.37
N PRO C 5 25.06 13.32 27.26
CA PRO C 5 26.11 12.46 27.80
C PRO C 5 27.42 12.71 27.05
N SER C 6 28.51 12.15 27.56
CA SER C 6 29.81 12.30 26.91
C SER C 6 29.86 11.39 25.71
N ALA C 7 30.23 11.94 24.57
CA ALA C 7 30.31 11.16 23.34
C ALA C 7 31.27 10.00 23.45
N ASP C 8 32.01 9.93 24.55
CA ASP C 8 32.95 8.84 24.74
C ASP C 8 32.37 7.71 25.59
N VAL C 9 31.13 7.88 26.01
CA VAL C 9 30.46 6.87 26.82
C VAL C 9 29.06 6.68 26.25
N TYR C 10 28.78 7.33 25.13
CA TYR C 10 27.48 7.25 24.51
C TYR C 10 27.58 7.75 23.08
N ARG C 11 27.65 6.82 22.13
CA ARG C 11 27.75 7.16 20.72
C ARG C 11 26.65 8.04 20.15
N PHE C 12 25.44 7.94 20.69
CA PHE C 12 24.35 8.73 20.18
C PHE C 12 24.36 10.19 20.68
N ALA C 13 25.52 10.63 21.16
CA ALA C 13 25.66 11.99 21.67
C ALA C 13 26.55 12.80 20.73
N GLU C 14 27.19 12.11 19.79
CA GLU C 14 28.04 12.75 18.80
C GLU C 14 27.22 13.79 18.05
N PRO C 15 27.75 15.01 17.87
CA PRO C 15 27.04 16.06 17.16
C PRO C 15 26.80 15.83 15.66
N ASP C 16 25.68 16.34 15.16
CA ASP C 16 25.36 16.22 13.74
C ASP C 16 26.47 16.88 12.95
N SER C 17 26.61 16.51 11.68
CA SER C 17 27.62 17.12 10.83
C SER C 17 27.30 16.79 9.38
N GLU C 18 27.67 17.69 8.47
CA GLU C 18 27.43 17.48 7.05
C GLU C 18 28.07 16.19 6.57
N GLU C 19 28.70 15.45 7.48
CA GLU C 19 29.36 14.19 7.14
C GLU C 19 28.65 12.95 7.71
N ASN C 20 27.67 13.14 8.58
CA ASN C 20 26.98 11.99 9.13
C ASN C 20 25.47 12.07 9.08
N ILE C 21 24.94 13.22 8.68
CA ILE C 21 23.50 13.38 8.61
C ILE C 21 23.11 14.56 7.74
N ILE C 22 22.28 14.29 6.74
CA ILE C 22 21.80 15.31 5.81
C ILE C 22 20.29 15.47 5.96
N PHE C 23 19.84 16.70 6.10
CA PHE C 23 18.41 16.94 6.23
C PHE C 23 17.82 17.36 4.89
N GLU C 24 16.56 17.03 4.69
CA GLU C 24 15.87 17.40 3.47
C GLU C 24 15.64 18.92 3.61
N GLU C 25 15.47 19.62 2.49
CA GLU C 25 15.26 21.07 2.54
C GLU C 25 13.89 21.48 3.12
N GLY C 32 6.31 20.91 11.62
CA GLY C 32 7.39 21.11 10.67
C GLY C 32 8.66 20.42 11.14
N ILE C 33 8.53 19.15 11.49
CA ILE C 33 9.65 18.36 11.98
C ILE C 33 10.68 18.15 10.88
N PRO C 34 11.95 17.97 11.26
CA PRO C 34 13.03 17.75 10.30
C PRO C 34 12.80 16.44 9.56
N ILE C 35 13.29 16.36 8.33
CA ILE C 35 13.14 15.15 7.55
C ILE C 35 14.53 14.76 7.15
N ILE C 36 14.94 13.56 7.51
CA ILE C 36 16.26 13.07 7.19
C ILE C 36 16.36 12.60 5.75
N LYS C 37 17.33 13.14 5.02
CA LYS C 37 17.52 12.75 3.62
C LYS C 37 18.47 11.56 3.60
N ALA C 38 19.55 11.69 4.34
CA ALA C 38 20.55 10.63 4.41
C ALA C 38 21.23 10.67 5.76
N GLY C 39 22.01 9.64 6.06
CA GLY C 39 22.69 9.59 7.33
C GLY C 39 23.34 8.25 7.61
N THR C 40 24.15 8.21 8.66
CA THR C 40 24.81 6.97 9.06
C THR C 40 23.81 6.11 9.84
N VAL C 41 24.09 4.82 9.97
CA VAL C 41 23.19 3.94 10.73
C VAL C 41 23.05 4.48 12.14
N ILE C 42 24.16 4.90 12.74
CA ILE C 42 24.14 5.45 14.08
C ILE C 42 23.22 6.67 14.14
N LYS C 43 23.40 7.61 13.23
CA LYS C 43 22.57 8.82 13.22
C LYS C 43 21.10 8.49 12.93
N LEU C 44 20.90 7.52 12.05
CA LEU C 44 19.56 7.10 11.67
C LEU C 44 18.81 6.56 12.89
N ILE C 45 19.49 5.78 13.71
CA ILE C 45 18.90 5.21 14.92
C ILE C 45 18.68 6.27 16.01
N GLU C 46 19.49 7.33 15.99
CA GLU C 46 19.35 8.40 16.97
C GLU C 46 18.03 9.12 16.67
N ARG C 47 17.77 9.36 15.38
CA ARG C 47 16.56 10.04 14.95
C ARG C 47 15.33 9.12 15.05
N LEU C 48 15.54 7.83 14.89
CA LEU C 48 14.46 6.86 15.02
C LEU C 48 13.85 6.96 16.42
N THR C 49 14.67 7.44 17.37
CA THR C 49 14.26 7.58 18.76
C THR C 49 14.66 8.92 19.35
N TYR C 50 14.60 9.96 18.53
CA TYR C 50 14.95 11.30 18.98
C TYR C 50 14.11 11.72 20.18
N HIS C 51 14.54 12.78 20.87
CA HIS C 51 13.82 13.23 22.04
C HIS C 51 13.12 14.59 21.89
N MET C 52 13.39 15.28 20.79
CA MET C 52 12.81 16.61 20.54
C MET C 52 11.40 16.62 19.96
N TYR C 53 11.15 15.72 19.00
CA TYR C 53 9.85 15.66 18.35
C TYR C 53 9.43 14.23 18.03
N ALA C 54 8.20 14.08 17.55
CA ALA C 54 7.68 12.77 17.18
C ALA C 54 7.57 12.71 15.67
N ASP C 55 7.87 11.57 15.09
CA ASP C 55 7.75 11.40 13.64
C ASP C 55 6.78 10.26 13.37
N PRO C 56 5.53 10.58 12.97
CA PRO C 56 4.50 9.58 12.69
C PRO C 56 4.89 8.41 11.78
N ASN C 57 5.91 8.58 10.95
CA ASN C 57 6.28 7.52 10.02
C ASN C 57 7.66 6.91 10.13
N PHE C 58 8.52 7.52 10.94
CA PHE C 58 9.87 7.01 11.06
C PHE C 58 9.97 5.55 11.47
N VAL C 59 9.34 5.17 12.58
CA VAL C 59 9.39 3.78 13.06
C VAL C 59 8.96 2.77 11.99
N ARG C 60 7.80 2.98 11.39
CA ARG C 60 7.32 2.07 10.35
C ARG C 60 8.31 2.07 9.19
N THR C 61 8.66 3.25 8.68
CA THR C 61 9.61 3.32 7.58
C THR C 61 10.87 2.51 7.88
N PHE C 62 11.45 2.75 9.06
CA PHE C 62 12.67 2.06 9.46
C PHE C 62 12.51 0.54 9.62
N LEU C 63 11.55 0.11 10.45
CA LEU C 63 11.33 -1.31 10.67
C LEU C 63 10.97 -2.04 9.38
N THR C 64 10.43 -1.31 8.42
CA THR C 64 10.06 -1.92 7.14
C THR C 64 11.23 -2.04 6.16
N THR C 65 12.20 -1.15 6.27
CA THR C 65 13.29 -1.16 5.31
C THR C 65 14.73 -1.36 5.78
N TYR C 66 14.98 -1.25 7.07
CA TYR C 66 16.34 -1.36 7.58
C TYR C 66 17.18 -2.56 7.14
N ARG C 67 16.56 -3.70 6.90
CA ARG C 67 17.31 -4.91 6.54
C ARG C 67 18.28 -4.80 5.36
N SER C 68 18.11 -3.79 4.51
CA SER C 68 19.06 -3.66 3.40
C SER C 68 20.38 -3.02 3.85
N PHE C 69 20.35 -2.22 4.93
CA PHE C 69 21.54 -1.53 5.40
C PHE C 69 21.95 -1.79 6.84
N CYS C 70 21.38 -2.84 7.44
CA CYS C 70 21.68 -3.16 8.83
C CYS C 70 21.11 -4.51 9.16
N LYS C 71 21.92 -5.38 9.74
CA LYS C 71 21.46 -6.70 10.09
C LYS C 71 20.65 -6.64 11.36
N PRO C 72 19.69 -7.58 11.51
CA PRO C 72 18.81 -7.64 12.69
C PRO C 72 19.59 -7.65 14.01
N GLN C 73 20.54 -8.56 14.14
CA GLN C 73 21.33 -8.67 15.36
C GLN C 73 21.98 -7.34 15.75
N GLU C 74 22.38 -6.55 14.76
CA GLU C 74 23.03 -5.27 15.01
C GLU C 74 22.01 -4.20 15.36
N LEU C 75 20.82 -4.27 14.75
CA LEU C 75 19.77 -3.31 15.02
C LEU C 75 19.43 -3.38 16.52
N LEU C 76 19.34 -4.60 17.04
CA LEU C 76 19.03 -4.80 18.44
C LEU C 76 20.14 -4.29 19.34
N SER C 77 21.39 -4.60 19.01
CA SER C 77 22.51 -4.17 19.82
C SER C 77 22.53 -2.67 19.91
N LEU C 78 22.27 -2.04 18.78
CA LEU C 78 22.25 -0.60 18.70
C LEU C 78 21.13 0.06 19.50
N ILE C 79 19.93 -0.53 19.53
CA ILE C 79 18.89 0.12 20.30
C ILE C 79 19.09 -0.16 21.77
N ILE C 80 19.74 -1.27 22.08
CA ILE C 80 19.97 -1.59 23.48
C ILE C 80 21.02 -0.58 23.91
N GLU C 81 21.98 -0.36 23.03
CA GLU C 81 23.06 0.57 23.28
C GLU C 81 22.49 1.97 23.47
N ARG C 82 21.45 2.28 22.71
CA ARG C 82 20.80 3.57 22.78
C ARG C 82 19.97 3.68 24.05
N PHE C 83 19.44 2.56 24.52
CA PHE C 83 18.60 2.55 25.71
C PHE C 83 19.42 2.80 26.99
N GLU C 84 20.67 2.35 26.97
CA GLU C 84 21.58 2.47 28.12
C GLU C 84 22.21 3.85 28.22
N ILE C 85 21.40 4.86 28.51
CA ILE C 85 21.90 6.22 28.63
C ILE C 85 22.54 6.41 29.98
N PRO C 86 23.83 6.81 30.01
CA PRO C 86 24.52 7.04 31.28
C PRO C 86 23.98 8.29 31.99
N GLU C 87 23.78 8.20 33.30
CA GLU C 87 23.28 9.35 34.06
C GLU C 87 24.40 10.38 34.25
N PRO C 88 24.06 11.67 34.13
CA PRO C 88 24.97 12.81 34.26
C PRO C 88 25.58 13.02 35.64
N GLU C 89 26.83 13.45 35.66
CA GLU C 89 27.53 13.69 36.91
C GLU C 89 26.80 14.80 37.65
N PRO C 90 26.86 14.79 38.98
CA PRO C 90 26.20 15.83 39.78
C PRO C 90 26.71 17.21 39.37
N THR C 91 25.88 18.23 39.48
CA THR C 91 26.30 19.59 39.14
C THR C 91 27.16 20.09 40.31
N GLU C 92 27.59 21.34 40.27
CA GLU C 92 28.42 21.86 41.36
C GLU C 92 27.55 22.00 42.62
N ALA C 93 26.29 22.36 42.44
CA ALA C 93 25.38 22.52 43.57
C ALA C 93 25.20 21.19 44.30
N ASP C 94 24.91 20.13 43.54
CA ASP C 94 24.71 18.80 44.08
C ASP C 94 25.87 18.41 44.96
N ARG C 95 27.07 18.54 44.41
CA ARG C 95 28.29 18.22 45.13
C ARG C 95 28.38 19.02 46.43
N ILE C 96 28.06 20.31 46.36
CA ILE C 96 28.10 21.14 47.55
C ILE C 96 27.15 20.59 48.63
N ALA C 97 25.93 20.25 48.22
CA ALA C 97 24.96 19.72 49.16
C ALA C 97 25.46 18.39 49.74
N ILE C 98 25.81 17.45 48.87
CA ILE C 98 26.29 16.13 49.30
C ILE C 98 27.42 16.25 50.31
N GLU C 99 28.34 17.18 50.05
CA GLU C 99 29.48 17.40 50.92
C GLU C 99 29.15 18.05 52.25
N ASN C 100 27.88 18.42 52.43
CA ASN C 100 27.42 19.02 53.69
C ASN C 100 26.40 18.09 54.34
N GLY C 101 26.29 16.89 53.79
CA GLY C 101 25.38 15.90 54.32
C GLY C 101 23.92 16.15 54.00
N ASP C 102 23.64 16.96 52.98
CA ASP C 102 22.26 17.25 52.62
C ASP C 102 21.85 16.54 51.33
N GLN C 103 20.55 16.42 51.13
CA GLN C 103 20.06 15.78 49.93
C GLN C 103 20.16 16.79 48.80
N PRO C 104 20.74 16.39 47.66
CA PRO C 104 20.91 17.27 46.50
C PRO C 104 19.55 17.54 45.87
N LEU C 105 19.34 18.74 45.34
CA LEU C 105 18.06 19.05 44.69
C LEU C 105 17.99 18.31 43.37
N SER C 106 19.13 18.25 42.68
CA SER C 106 19.24 17.57 41.40
C SER C 106 18.32 18.16 40.35
N ALA C 107 18.31 19.49 40.25
CA ALA C 107 17.46 20.19 39.29
C ALA C 107 17.70 19.74 37.86
N GLU C 108 18.98 19.66 37.46
CA GLU C 108 19.31 19.24 36.10
C GLU C 108 19.09 17.76 35.84
N LEU C 109 19.44 16.92 36.81
CA LEU C 109 19.26 15.49 36.65
C LEU C 109 17.79 15.17 36.40
N LYS C 110 16.89 15.82 37.14
CA LYS C 110 15.46 15.58 37.00
C LYS C 110 14.95 16.06 35.64
N ARG C 111 15.52 17.16 35.18
CA ARG C 111 15.13 17.72 33.90
C ARG C 111 15.70 16.81 32.80
N PHE C 112 16.91 16.32 32.98
CA PHE C 112 17.50 15.44 31.98
C PHE C 112 16.71 14.15 31.78
N ARG C 113 16.02 13.72 32.83
CA ARG C 113 15.23 12.50 32.72
C ARG C 113 13.89 12.78 32.08
N LYS C 114 13.33 13.94 32.40
CA LYS C 114 12.02 14.28 31.88
C LYS C 114 12.10 14.63 30.40
N GLU C 115 13.21 15.24 29.98
CA GLU C 115 13.34 15.68 28.59
C GLU C 115 14.22 14.85 27.66
N TYR C 116 15.03 13.95 28.22
CA TYR C 116 15.90 13.15 27.38
C TYR C 116 15.81 11.64 27.60
N ILE C 117 16.06 11.23 28.83
CA ILE C 117 16.02 9.82 29.13
C ILE C 117 14.66 9.17 28.91
N GLN C 118 13.62 9.68 29.54
CA GLN C 118 12.30 9.08 29.37
C GLN C 118 11.83 9.02 27.93
N PRO C 119 11.91 10.14 27.20
CA PRO C 119 11.47 10.13 25.80
C PRO C 119 12.24 9.09 24.97
N VAL C 120 13.56 9.08 25.13
CA VAL C 120 14.42 8.16 24.41
C VAL C 120 14.17 6.71 24.75
N GLN C 121 14.14 6.39 26.05
CA GLN C 121 13.93 5.03 26.46
C GLN C 121 12.53 4.56 26.07
N LEU C 122 11.54 5.41 26.20
CA LEU C 122 10.20 5.04 25.83
C LEU C 122 10.10 4.76 24.33
N ARG C 123 10.80 5.58 23.53
CA ARG C 123 10.75 5.40 22.09
C ARG C 123 11.55 4.18 21.64
N VAL C 124 12.58 3.82 22.38
CA VAL C 124 13.31 2.61 22.03
C VAL C 124 12.37 1.42 22.33
N LEU C 125 11.64 1.46 23.43
CA LEU C 125 10.73 0.36 23.76
C LEU C 125 9.61 0.29 22.71
N ASN C 126 9.23 1.45 22.18
CA ASN C 126 8.17 1.51 21.18
C ASN C 126 8.66 0.82 19.91
N VAL C 127 9.94 0.97 19.61
CA VAL C 127 10.49 0.32 18.44
C VAL C 127 10.50 -1.18 18.67
N CYS C 128 10.79 -1.59 19.91
CA CYS C 128 10.80 -3.01 20.28
C CYS C 128 9.42 -3.62 20.16
N ARG C 129 8.42 -2.89 20.65
CA ARG C 129 7.04 -3.35 20.60
C ARG C 129 6.52 -3.54 19.16
N HIS C 130 6.80 -2.56 18.30
CA HIS C 130 6.34 -2.65 16.92
C HIS C 130 7.13 -3.73 16.18
N TRP C 131 8.44 -3.75 16.43
CA TRP C 131 9.30 -4.73 15.81
C TRP C 131 8.75 -6.13 16.05
N VAL C 132 8.49 -6.44 17.31
CA VAL C 132 7.95 -7.74 17.71
C VAL C 132 6.55 -7.97 17.15
N GLU C 133 5.69 -6.96 17.25
CA GLU C 133 4.31 -7.07 16.78
C GLU C 133 4.13 -7.25 15.27
N HIS C 134 4.67 -6.33 14.48
CA HIS C 134 4.46 -6.37 13.05
C HIS C 134 5.62 -6.80 12.16
N HIS C 135 6.68 -7.29 12.77
CA HIS C 135 7.84 -7.74 11.98
C HIS C 135 8.46 -8.97 12.66
N PHE C 136 7.60 -9.77 13.29
CA PHE C 136 8.05 -10.94 14.02
C PHE C 136 8.85 -11.96 13.22
N TYR C 137 8.69 -11.96 11.90
CA TYR C 137 9.43 -12.92 11.08
C TYR C 137 10.93 -12.85 11.33
N ASP C 138 11.40 -11.65 11.62
CA ASP C 138 12.82 -11.44 11.93
C ASP C 138 13.22 -12.37 13.07
N PHE C 139 12.32 -12.55 14.04
CA PHE C 139 12.58 -13.39 15.20
C PHE C 139 12.37 -14.87 14.91
N GLU C 140 11.44 -15.15 14.01
CA GLU C 140 11.15 -16.53 13.63
C GLU C 140 12.29 -17.17 12.84
N ARG C 141 13.21 -16.35 12.35
CA ARG C 141 14.33 -16.86 11.56
C ARG C 141 15.63 -16.78 12.35
N ASP C 142 15.57 -16.21 13.54
CA ASP C 142 16.75 -16.08 14.39
C ASP C 142 16.31 -16.25 15.84
N ALA C 143 16.33 -17.49 16.32
CA ALA C 143 15.90 -17.76 17.68
C ALA C 143 16.70 -16.92 18.67
N TYR C 144 18.01 -16.86 18.44
CA TYR C 144 18.89 -16.11 19.33
C TYR C 144 18.48 -14.65 19.40
N LEU C 145 18.03 -14.12 18.26
CA LEU C 145 17.60 -12.73 18.21
C LEU C 145 16.45 -12.52 19.21
N LEU C 146 15.52 -13.47 19.26
CA LEU C 146 14.38 -13.40 20.18
C LEU C 146 14.80 -13.50 21.66
N GLN C 147 15.74 -14.39 21.97
CA GLN C 147 16.21 -14.56 23.34
C GLN C 147 16.84 -13.28 23.84
N ARG C 148 17.60 -12.63 22.98
CA ARG C 148 18.25 -11.38 23.32
C ARG C 148 17.20 -10.32 23.63
N MET C 149 16.14 -10.28 22.83
CA MET C 149 15.09 -9.31 23.06
C MET C 149 14.45 -9.60 24.39
N GLU C 150 14.12 -10.87 24.64
CA GLU C 150 13.47 -11.28 25.89
C GLU C 150 14.35 -10.92 27.06
N GLU C 151 15.65 -11.23 26.94
CA GLU C 151 16.61 -10.94 28.00
C GLU C 151 16.62 -9.44 28.29
N PHE C 152 16.73 -8.66 27.22
CA PHE C 152 16.77 -7.21 27.33
C PHE C 152 15.51 -6.64 27.96
N ILE C 153 14.37 -6.87 27.32
CA ILE C 153 13.09 -6.37 27.81
C ILE C 153 12.83 -6.87 29.22
N GLY C 154 13.27 -8.10 29.49
CA GLY C 154 13.04 -8.69 30.78
C GLY C 154 13.95 -8.26 31.90
N THR C 155 14.92 -7.41 31.61
CA THR C 155 15.82 -7.00 32.67
C THR C 155 15.81 -5.49 32.85
N VAL C 156 14.87 -4.82 32.19
CA VAL C 156 14.73 -3.39 32.32
C VAL C 156 14.16 -3.19 33.72
N ARG C 157 14.97 -2.63 34.62
CA ARG C 157 14.54 -2.42 35.99
C ARG C 157 13.90 -1.06 36.13
N GLY C 158 13.32 -0.79 37.30
CA GLY C 158 12.69 0.49 37.52
C GLY C 158 11.19 0.40 37.49
N LYS C 159 10.52 1.13 38.38
CA LYS C 159 9.05 1.12 38.45
C LYS C 159 8.42 1.94 37.33
N ALA C 160 9.21 2.85 36.74
CA ALA C 160 8.74 3.71 35.66
C ALA C 160 8.34 2.89 34.45
N MET C 161 9.35 2.35 33.76
CA MET C 161 9.15 1.56 32.57
C MET C 161 8.32 0.29 32.76
N LYS C 162 8.27 -0.21 33.99
CA LYS C 162 7.53 -1.44 34.27
C LYS C 162 6.24 -1.64 33.50
N LYS C 163 5.38 -0.63 33.46
CA LYS C 163 4.10 -0.75 32.75
C LYS C 163 4.31 -1.33 31.35
N TRP C 164 5.15 -0.66 30.57
CA TRP C 164 5.43 -1.03 29.19
C TRP C 164 6.27 -2.28 29.03
N VAL C 165 7.35 -2.39 29.79
CA VAL C 165 8.21 -3.56 29.74
C VAL C 165 7.37 -4.81 29.94
N GLU C 166 6.56 -4.79 30.98
CA GLU C 166 5.68 -5.89 31.33
C GLU C 166 4.81 -6.26 30.13
N SER C 167 4.27 -5.25 29.45
CA SER C 167 3.39 -5.43 28.30
C SER C 167 4.07 -6.06 27.08
N ILE C 168 5.26 -5.58 26.76
CA ILE C 168 5.99 -6.12 25.63
C ILE C 168 6.37 -7.59 25.87
N THR C 169 6.67 -7.93 27.11
CA THR C 169 7.02 -9.30 27.45
C THR C 169 5.85 -10.19 27.09
N LYS C 170 4.64 -9.75 27.43
CA LYS C 170 3.43 -10.53 27.15
C LYS C 170 3.22 -10.65 25.63
N ILE C 171 3.29 -9.52 24.92
CA ILE C 171 3.09 -9.54 23.48
C ILE C 171 4.05 -10.54 22.84
N ILE C 172 5.31 -10.54 23.29
CA ILE C 172 6.31 -11.46 22.75
C ILE C 172 5.86 -12.91 22.94
N GLN C 173 5.40 -13.25 24.14
CA GLN C 173 4.94 -14.62 24.42
C GLN C 173 3.70 -14.95 23.62
N ARG C 174 2.76 -14.01 23.54
CA ARG C 174 1.52 -14.22 22.80
C ARG C 174 1.83 -14.56 21.34
N LYS C 175 2.93 -14.00 20.84
CA LYS C 175 3.36 -14.22 19.46
C LYS C 175 3.96 -15.60 19.18
N LYS C 176 4.40 -16.28 20.23
CA LYS C 176 4.98 -17.60 20.06
C LYS C 176 3.91 -18.68 20.15
N ILE C 177 2.89 -18.47 20.98
CA ILE C 177 1.83 -19.48 21.16
C ILE C 177 1.08 -19.86 19.89
N ALA C 178 0.66 -18.88 19.09
CA ALA C 178 -0.06 -19.17 17.87
C ALA C 178 -0.30 -17.90 17.07
N HIS C 185 -9.26 -11.70 15.20
CA HIS C 185 -9.65 -10.43 14.59
C HIS C 185 -11.14 -10.48 14.20
N ASN C 186 -12.00 -10.01 15.10
CA ASN C 186 -13.44 -9.99 14.85
C ASN C 186 -13.84 -8.61 14.31
N ILE C 187 -15.04 -8.51 13.73
CA ILE C 187 -15.47 -7.25 13.15
C ILE C 187 -16.84 -6.81 13.64
N THR C 188 -17.00 -5.51 13.89
CA THR C 188 -18.27 -4.96 14.35
C THR C 188 -18.76 -3.99 13.28
N PHE C 189 -20.05 -4.04 13.00
CA PHE C 189 -20.64 -3.14 12.02
C PHE C 189 -21.86 -2.45 12.60
N GLN C 190 -22.15 -1.26 12.07
CA GLN C 190 -23.35 -0.52 12.49
C GLN C 190 -24.51 -1.38 12.00
N SER C 191 -24.80 -1.21 10.70
CA SER C 191 -25.87 -1.94 10.02
C SER C 191 -25.40 -3.35 9.69
N SER C 192 -26.33 -4.24 9.39
CA SER C 192 -25.97 -5.61 9.05
C SER C 192 -25.90 -5.76 7.52
N PRO C 193 -25.18 -6.78 7.04
CA PRO C 193 -25.03 -7.04 5.60
C PRO C 193 -26.35 -7.29 4.86
N PRO C 194 -26.42 -6.90 3.57
CA PRO C 194 -27.63 -7.09 2.79
C PRO C 194 -27.88 -8.56 2.60
N THR C 195 -29.09 -8.93 2.23
CA THR C 195 -29.42 -10.34 2.04
C THR C 195 -28.71 -10.93 0.81
N VAL C 196 -28.29 -12.18 0.89
CA VAL C 196 -27.63 -12.84 -0.26
C VAL C 196 -28.66 -13.11 -1.38
N GLU C 197 -28.35 -12.65 -2.60
CA GLU C 197 -29.25 -12.81 -3.74
C GLU C 197 -29.07 -14.10 -4.54
N TRP C 198 -30.18 -14.73 -4.92
CA TRP C 198 -30.11 -15.96 -5.70
C TRP C 198 -30.91 -15.82 -6.97
N HIS C 199 -30.39 -16.42 -8.03
CA HIS C 199 -31.01 -16.39 -9.33
C HIS C 199 -31.51 -17.81 -9.67
N ILE C 200 -31.06 -18.35 -10.80
CA ILE C 200 -31.47 -19.69 -11.22
C ILE C 200 -30.95 -20.78 -10.27
N SER C 201 -29.64 -20.80 -10.05
CA SER C 201 -29.06 -21.77 -9.12
C SER C 201 -29.58 -21.45 -7.74
N ARG C 202 -29.98 -22.47 -6.99
CA ARG C 202 -30.50 -22.27 -5.65
C ARG C 202 -29.47 -22.71 -4.65
N PRO C 203 -29.61 -22.29 -3.40
CA PRO C 203 -28.65 -22.66 -2.37
C PRO C 203 -28.39 -24.16 -2.28
N GLY C 204 -27.13 -24.52 -2.11
CA GLY C 204 -26.78 -25.92 -1.97
C GLY C 204 -26.96 -26.75 -3.23
N HIS C 205 -26.54 -26.20 -4.35
CA HIS C 205 -26.62 -26.88 -5.63
C HIS C 205 -25.42 -26.48 -6.46
N ILE C 206 -24.24 -26.59 -5.86
CA ILE C 206 -23.01 -26.20 -6.53
C ILE C 206 -22.81 -26.81 -7.91
N GLU C 207 -23.56 -27.85 -8.25
CA GLU C 207 -23.43 -28.47 -9.57
C GLU C 207 -23.95 -27.55 -10.69
N THR C 208 -24.79 -26.59 -10.34
CA THR C 208 -25.36 -25.70 -11.35
C THR C 208 -24.72 -24.33 -11.41
N PHE C 209 -23.99 -23.94 -10.37
CA PHE C 209 -23.33 -22.63 -10.32
C PHE C 209 -22.66 -22.34 -11.64
N ASP C 210 -22.78 -21.11 -12.13
CA ASP C 210 -22.20 -20.74 -13.41
C ASP C 210 -22.43 -19.26 -13.66
N LEU C 211 -21.64 -18.68 -14.56
CA LEU C 211 -21.74 -17.27 -14.88
C LEU C 211 -23.14 -16.70 -15.05
N LEU C 212 -24.02 -17.45 -15.71
CA LEU C 212 -25.39 -16.96 -15.96
C LEU C 212 -26.45 -17.47 -15.00
N THR C 213 -26.14 -18.48 -14.22
CA THR C 213 -27.12 -19.04 -13.29
C THR C 213 -27.04 -18.46 -11.88
N LEU C 214 -25.90 -17.87 -11.53
CA LEU C 214 -25.74 -17.26 -10.21
C LEU C 214 -26.20 -15.84 -10.40
N HIS C 215 -26.63 -15.18 -9.33
CA HIS C 215 -27.09 -13.81 -9.44
C HIS C 215 -25.89 -12.93 -9.72
N PRO C 216 -25.98 -12.05 -10.73
CA PRO C 216 -24.79 -11.22 -10.97
C PRO C 216 -24.41 -10.38 -9.75
N ILE C 217 -25.40 -9.89 -8.99
CA ILE C 217 -25.09 -9.08 -7.81
C ILE C 217 -24.22 -9.90 -6.84
N GLU C 218 -24.61 -11.15 -6.62
CA GLU C 218 -23.90 -12.01 -5.68
C GLU C 218 -22.51 -12.46 -6.16
N ILE C 219 -22.34 -12.51 -7.49
CA ILE C 219 -21.04 -12.87 -8.06
C ILE C 219 -20.05 -11.74 -7.78
N ALA C 220 -20.51 -10.50 -7.92
CA ALA C 220 -19.67 -9.36 -7.67
C ALA C 220 -19.35 -9.29 -6.18
N ARG C 221 -20.35 -9.55 -5.34
CA ARG C 221 -20.18 -9.50 -3.89
C ARG C 221 -19.18 -10.53 -3.39
N GLN C 222 -19.43 -11.80 -3.69
CA GLN C 222 -18.55 -12.88 -3.24
C GLN C 222 -17.13 -12.73 -3.79
N LEU C 223 -17.01 -12.27 -5.04
CA LEU C 223 -15.69 -12.07 -5.64
C LEU C 223 -15.01 -10.86 -4.99
N THR C 224 -15.79 -9.84 -4.64
CA THR C 224 -15.24 -8.67 -3.99
C THR C 224 -14.73 -9.07 -2.60
N LEU C 225 -15.44 -9.99 -1.94
CA LEU C 225 -15.01 -10.45 -0.60
C LEU C 225 -13.71 -11.22 -0.78
N LEU C 226 -13.74 -12.13 -1.74
CA LEU C 226 -12.59 -12.95 -2.05
C LEU C 226 -11.38 -12.08 -2.37
N GLU C 227 -11.57 -11.13 -3.28
CA GLU C 227 -10.49 -10.24 -3.66
C GLU C 227 -10.05 -9.30 -2.53
N SER C 228 -10.99 -8.84 -1.71
CA SER C 228 -10.62 -7.94 -0.62
C SER C 228 -9.64 -8.68 0.30
N ASP C 229 -9.95 -9.94 0.57
CA ASP C 229 -9.09 -10.75 1.43
C ASP C 229 -7.68 -10.91 0.84
N LEU C 230 -7.61 -11.30 -0.43
CA LEU C 230 -6.31 -11.44 -1.08
C LEU C 230 -5.50 -10.15 -0.96
N TYR C 231 -6.17 -9.00 -1.02
CA TYR C 231 -5.49 -7.72 -0.92
C TYR C 231 -5.00 -7.50 0.51
N ARG C 232 -5.87 -7.73 1.48
CA ARG C 232 -5.55 -7.53 2.88
C ARG C 232 -4.45 -8.47 3.38
N ALA C 233 -4.13 -9.52 2.62
CA ALA C 233 -3.08 -10.47 3.04
C ALA C 233 -1.66 -10.12 2.57
N VAL C 234 -1.52 -9.22 1.62
CA VAL C 234 -0.20 -8.86 1.16
C VAL C 234 0.54 -8.07 2.24
N GLN C 235 1.71 -8.58 2.62
CA GLN C 235 2.55 -7.96 3.64
C GLN C 235 3.64 -7.11 3.00
N PRO C 236 4.11 -6.08 3.71
CA PRO C 236 5.15 -5.21 3.16
C PRO C 236 6.42 -5.99 2.81
N SER C 237 6.77 -6.97 3.62
CA SER C 237 7.98 -7.74 3.34
C SER C 237 7.94 -8.42 1.96
N GLU C 238 6.76 -8.54 1.37
CA GLU C 238 6.65 -9.13 0.05
C GLU C 238 6.90 -8.09 -1.04
N LEU C 239 7.04 -6.83 -0.63
CA LEU C 239 7.23 -5.74 -1.57
C LEU C 239 8.58 -5.04 -1.52
N VAL C 240 9.15 -4.92 -0.32
CA VAL C 240 10.43 -4.26 -0.16
C VAL C 240 11.54 -5.02 -0.86
N GLY C 241 12.43 -4.29 -1.54
CA GLY C 241 13.54 -4.94 -2.22
C GLY C 241 13.12 -5.63 -3.51
N SER C 242 12.00 -5.21 -4.08
CA SER C 242 11.53 -5.79 -5.33
C SER C 242 11.62 -7.30 -5.35
N VAL C 243 11.40 -7.93 -4.21
CA VAL C 243 11.50 -9.36 -4.12
C VAL C 243 10.48 -10.16 -4.92
N TRP C 244 9.41 -9.52 -5.40
CA TRP C 244 8.42 -10.27 -6.15
C TRP C 244 8.85 -10.38 -7.62
N THR C 245 10.02 -9.82 -7.93
CA THR C 245 10.54 -9.86 -9.29
C THR C 245 11.79 -10.72 -9.40
N LYS C 246 12.21 -11.29 -8.26
CA LYS C 246 13.42 -12.12 -8.17
C LYS C 246 13.14 -13.61 -8.21
N GLU C 247 14.20 -14.42 -8.34
CA GLU C 247 14.10 -15.86 -8.40
C GLU C 247 13.27 -16.51 -7.30
N ASP C 248 13.42 -16.02 -6.07
CA ASP C 248 12.66 -16.55 -4.94
C ASP C 248 11.33 -15.83 -4.73
N LYS C 249 10.73 -15.36 -5.82
CA LYS C 249 9.46 -14.65 -5.72
C LYS C 249 8.40 -15.49 -5.03
N GLU C 250 8.38 -16.79 -5.32
CA GLU C 250 7.40 -17.71 -4.76
C GLU C 250 7.49 -17.82 -3.25
N ILE C 251 8.69 -17.67 -2.73
CA ILE C 251 8.95 -17.77 -1.31
C ILE C 251 8.72 -16.46 -0.57
N ASN C 252 9.23 -15.36 -1.13
CA ASN C 252 9.12 -14.05 -0.51
C ASN C 252 7.81 -13.30 -0.71
N SER C 253 7.15 -13.52 -1.83
CA SER C 253 5.91 -12.83 -2.15
C SER C 253 4.75 -13.77 -2.48
N PRO C 254 4.51 -14.78 -1.64
CA PRO C 254 3.43 -15.74 -1.87
C PRO C 254 2.02 -15.13 -1.85
N ASN C 255 1.76 -14.19 -0.95
CA ASN C 255 0.43 -13.58 -0.87
C ASN C 255 0.18 -12.71 -2.07
N LEU C 256 1.18 -11.91 -2.43
CA LEU C 256 1.08 -11.04 -3.58
C LEU C 256 0.77 -11.86 -4.83
N LEU C 257 1.56 -12.91 -5.05
CA LEU C 257 1.39 -13.75 -6.23
C LEU C 257 0.05 -14.49 -6.23
N LYS C 258 -0.33 -15.01 -5.08
CA LYS C 258 -1.59 -15.70 -4.95
C LYS C 258 -2.67 -14.72 -5.41
N MET C 259 -2.57 -13.48 -4.96
CA MET C 259 -3.56 -12.46 -5.31
C MET C 259 -3.57 -12.13 -6.81
N ILE C 260 -2.38 -11.99 -7.40
CA ILE C 260 -2.28 -11.68 -8.83
C ILE C 260 -2.78 -12.82 -9.71
N ARG C 261 -2.58 -14.05 -9.25
CA ARG C 261 -3.04 -15.19 -10.02
C ARG C 261 -4.55 -15.29 -10.04
N HIS C 262 -5.20 -14.96 -8.92
CA HIS C 262 -6.66 -14.99 -8.86
C HIS C 262 -7.19 -14.03 -9.93
N THR C 263 -6.60 -12.83 -10.00
CA THR C 263 -7.05 -11.83 -10.95
C THR C 263 -6.93 -12.36 -12.37
N THR C 264 -5.78 -12.96 -12.65
CA THR C 264 -5.55 -13.47 -13.99
C THR C 264 -6.52 -14.59 -14.35
N ASN C 265 -6.73 -15.49 -13.41
CA ASN C 265 -7.62 -16.60 -13.59
C ASN C 265 -9.06 -16.15 -13.88
N LEU C 266 -9.51 -15.11 -13.19
CA LEU C 266 -10.86 -14.64 -13.38
C LEU C 266 -10.98 -13.95 -14.73
N THR C 267 -9.92 -13.24 -15.14
CA THR C 267 -9.93 -12.55 -16.41
C THR C 267 -10.02 -13.59 -17.50
N LEU C 268 -9.23 -14.64 -17.37
CA LEU C 268 -9.25 -15.71 -18.36
C LEU C 268 -10.59 -16.46 -18.39
N TRP C 269 -11.20 -16.63 -17.23
CA TRP C 269 -12.49 -17.28 -17.13
C TRP C 269 -13.53 -16.46 -17.94
N PHE C 270 -13.55 -15.15 -17.73
CA PHE C 270 -14.48 -14.29 -18.45
C PHE C 270 -14.29 -14.44 -19.95
N GLU C 271 -13.03 -14.42 -20.37
CA GLU C 271 -12.68 -14.58 -21.78
C GLU C 271 -13.16 -15.92 -22.31
N LYS C 272 -12.93 -16.96 -21.51
CA LYS C 272 -13.36 -18.30 -21.92
C LYS C 272 -14.87 -18.36 -22.02
N CYS C 273 -15.57 -17.77 -21.05
CA CYS C 273 -17.02 -17.77 -21.06
C CYS C 273 -17.57 -17.12 -22.31
N ILE C 274 -16.94 -16.03 -22.73
CA ILE C 274 -17.40 -15.29 -23.89
C ILE C 274 -17.22 -16.05 -25.20
N VAL C 275 -15.96 -16.40 -25.50
CA VAL C 275 -15.63 -17.09 -26.75
C VAL C 275 -16.08 -18.53 -26.92
N GLU C 276 -16.40 -19.22 -25.82
CA GLU C 276 -16.90 -20.58 -25.96
C GLU C 276 -18.41 -20.59 -26.15
N THR C 277 -19.05 -19.42 -26.12
CA THR C 277 -20.49 -19.31 -26.35
C THR C 277 -20.57 -18.91 -27.81
N GLU C 278 -20.62 -19.91 -28.68
CA GLU C 278 -20.63 -19.69 -30.12
C GLU C 278 -21.84 -18.91 -30.67
N ASN C 279 -23.03 -19.24 -30.20
CA ASN C 279 -24.24 -18.54 -30.64
C ASN C 279 -24.14 -17.05 -30.31
N LEU C 280 -24.31 -16.22 -31.33
CA LEU C 280 -24.23 -14.77 -31.19
C LEU C 280 -25.11 -14.21 -30.08
N GLU C 281 -26.40 -14.48 -30.17
CA GLU C 281 -27.36 -13.98 -29.19
C GLU C 281 -26.99 -14.39 -27.76
N GLU C 282 -26.63 -15.65 -27.55
CA GLU C 282 -26.25 -16.12 -26.22
C GLU C 282 -24.97 -15.43 -25.73
N ARG C 283 -24.03 -15.19 -26.64
CA ARG C 283 -22.78 -14.53 -26.31
C ARG C 283 -23.06 -13.08 -25.90
N VAL C 284 -24.07 -12.46 -26.50
CA VAL C 284 -24.41 -11.10 -26.15
C VAL C 284 -24.93 -11.11 -24.72
N ALA C 285 -25.64 -12.17 -24.36
CA ALA C 285 -26.20 -12.30 -23.02
C ALA C 285 -25.01 -12.45 -22.05
N VAL C 286 -24.06 -13.29 -22.44
CA VAL C 286 -22.86 -13.53 -21.67
C VAL C 286 -22.06 -12.25 -21.42
N VAL C 287 -21.73 -11.55 -22.51
CA VAL C 287 -21.01 -10.30 -22.37
C VAL C 287 -21.77 -9.31 -21.49
N SER C 288 -23.05 -9.11 -21.79
CA SER C 288 -23.88 -8.16 -21.05
C SER C 288 -23.89 -8.47 -19.55
N ARG C 289 -23.96 -9.75 -19.20
CA ARG C 289 -24.00 -10.13 -17.78
C ARG C 289 -22.70 -9.79 -17.07
N ILE C 290 -21.60 -9.89 -17.80
CA ILE C 290 -20.29 -9.57 -17.26
C ILE C 290 -20.15 -8.08 -17.05
N ILE C 291 -20.75 -7.28 -17.93
CA ILE C 291 -20.69 -5.84 -17.77
C ILE C 291 -21.56 -5.45 -16.59
N GLU C 292 -22.55 -6.27 -16.28
CA GLU C 292 -23.42 -5.98 -15.14
C GLU C 292 -22.63 -6.22 -13.85
N ILE C 293 -21.76 -7.23 -13.88
CA ILE C 293 -20.94 -7.56 -12.74
C ILE C 293 -19.94 -6.42 -12.54
N LEU C 294 -19.45 -5.87 -13.66
CA LEU C 294 -18.51 -4.77 -13.62
C LEU C 294 -19.16 -3.60 -12.91
N GLN C 295 -20.43 -3.39 -13.23
CA GLN C 295 -21.22 -2.31 -12.64
C GLN C 295 -21.31 -2.44 -11.14
N VAL C 296 -21.53 -3.65 -10.63
CA VAL C 296 -21.65 -3.84 -9.19
C VAL C 296 -20.28 -3.65 -8.56
N PHE C 297 -19.26 -4.12 -9.26
CA PHE C 297 -17.91 -3.97 -8.77
C PHE C 297 -17.62 -2.50 -8.51
N GLN C 298 -18.01 -1.66 -9.46
CA GLN C 298 -17.76 -0.25 -9.33
C GLN C 298 -18.53 0.28 -8.13
N GLU C 299 -19.72 -0.24 -7.89
CA GLU C 299 -20.52 0.19 -6.75
C GLU C 299 -19.81 -0.19 -5.46
N LEU C 300 -19.21 -1.37 -5.45
CA LEU C 300 -18.50 -1.85 -4.26
C LEU C 300 -17.09 -1.33 -4.16
N ASN C 301 -16.70 -0.43 -5.07
CA ASN C 301 -15.35 0.11 -5.10
C ASN C 301 -14.28 -0.97 -5.27
N ASN C 302 -14.62 -2.05 -5.97
CA ASN C 302 -13.67 -3.13 -6.19
C ASN C 302 -12.94 -2.87 -7.51
N PHE C 303 -12.00 -1.92 -7.46
CA PHE C 303 -11.23 -1.51 -8.64
C PHE C 303 -10.46 -2.66 -9.22
N ASN C 304 -10.07 -3.61 -8.39
CA ASN C 304 -9.38 -4.76 -8.93
C ASN C 304 -10.37 -5.51 -9.83
N GLY C 305 -11.59 -5.71 -9.33
CA GLY C 305 -12.61 -6.40 -10.10
C GLY C 305 -12.93 -5.66 -11.39
N VAL C 306 -13.09 -4.34 -11.30
CA VAL C 306 -13.39 -3.54 -12.47
C VAL C 306 -12.35 -3.81 -13.56
N LEU C 307 -11.08 -3.82 -13.20
CA LEU C 307 -10.03 -4.06 -14.20
C LEU C 307 -9.93 -5.46 -14.77
N GLU C 308 -10.34 -6.47 -14.01
CA GLU C 308 -10.29 -7.83 -14.54
C GLU C 308 -11.27 -7.93 -15.73
N VAL C 309 -12.42 -7.26 -15.62
CA VAL C 309 -13.42 -7.27 -16.68
C VAL C 309 -12.90 -6.49 -17.86
N VAL C 310 -12.32 -5.32 -17.58
CA VAL C 310 -11.82 -4.47 -18.65
C VAL C 310 -10.77 -5.21 -19.44
N SER C 311 -9.89 -5.89 -18.71
CA SER C 311 -8.82 -6.63 -19.34
C SER C 311 -9.39 -7.74 -20.19
N ALA C 312 -10.45 -8.35 -19.71
CA ALA C 312 -11.07 -9.41 -20.47
C ALA C 312 -11.65 -8.83 -21.76
N MET C 313 -12.38 -7.73 -21.64
CA MET C 313 -12.99 -7.09 -22.81
C MET C 313 -11.95 -6.60 -23.83
N ASN C 314 -10.76 -6.23 -23.35
CA ASN C 314 -9.71 -5.72 -24.23
C ASN C 314 -8.68 -6.74 -24.70
N SER C 315 -8.87 -8.01 -24.35
CA SER C 315 -7.94 -9.05 -24.76
C SER C 315 -8.11 -9.33 -26.25
N SER C 316 -7.13 -10.00 -26.84
CA SER C 316 -7.17 -10.28 -28.27
C SER C 316 -8.40 -11.04 -28.79
N PRO C 317 -8.87 -12.04 -28.04
CA PRO C 317 -10.03 -12.78 -28.50
C PRO C 317 -11.36 -12.03 -28.39
N VAL C 318 -11.53 -11.28 -27.31
CA VAL C 318 -12.78 -10.57 -27.08
C VAL C 318 -12.87 -9.21 -27.77
N TYR C 319 -11.78 -8.45 -27.74
CA TYR C 319 -11.74 -7.12 -28.34
C TYR C 319 -12.25 -7.06 -29.79
N ARG C 320 -11.88 -8.06 -30.58
CA ARG C 320 -12.25 -8.09 -31.98
C ARG C 320 -13.63 -8.59 -32.36
N LEU C 321 -14.45 -8.94 -31.37
CA LEU C 321 -15.79 -9.44 -31.66
C LEU C 321 -16.82 -8.35 -31.91
N ASP C 322 -16.62 -7.61 -32.99
CA ASP C 322 -17.49 -6.50 -33.36
C ASP C 322 -18.97 -6.80 -33.45
N HIS C 323 -19.34 -7.95 -34.00
CA HIS C 323 -20.75 -8.30 -34.13
C HIS C 323 -21.43 -8.44 -32.79
N THR C 324 -20.67 -8.79 -31.76
CA THR C 324 -21.22 -8.96 -30.42
C THR C 324 -21.40 -7.62 -29.72
N PHE C 325 -20.37 -6.81 -29.73
CA PHE C 325 -20.38 -5.51 -29.09
C PHE C 325 -21.33 -4.52 -29.75
N GLU C 326 -21.67 -4.80 -31.01
CA GLU C 326 -22.59 -3.95 -31.73
C GLU C 326 -23.97 -4.12 -31.10
N GLN C 327 -24.32 -5.36 -30.77
CA GLN C 327 -25.61 -5.66 -30.15
C GLN C 327 -25.70 -5.40 -28.65
N ILE C 328 -24.68 -4.79 -28.06
CA ILE C 328 -24.72 -4.51 -26.64
C ILE C 328 -25.47 -3.19 -26.47
N PRO C 329 -26.45 -3.14 -25.55
CA PRO C 329 -27.21 -1.91 -25.34
C PRO C 329 -26.34 -0.68 -25.10
N SER C 330 -26.85 0.45 -25.55
CA SER C 330 -26.16 1.72 -25.41
C SER C 330 -25.67 2.04 -23.98
N ARG C 331 -26.51 1.83 -22.98
CA ARG C 331 -26.14 2.14 -21.60
C ARG C 331 -24.90 1.37 -21.12
N GLN C 332 -24.80 0.09 -21.49
CA GLN C 332 -23.67 -0.73 -21.07
C GLN C 332 -22.33 -0.40 -21.71
N LYS C 333 -22.34 0.02 -22.98
CA LYS C 333 -21.11 0.41 -23.64
C LYS C 333 -20.54 1.59 -22.88
N LYS C 334 -21.41 2.53 -22.52
CA LYS C 334 -20.96 3.71 -21.78
C LYS C 334 -20.28 3.28 -20.47
N ILE C 335 -20.82 2.26 -19.81
CA ILE C 335 -20.26 1.79 -18.54
C ILE C 335 -18.87 1.19 -18.76
N LEU C 336 -18.77 0.36 -19.78
CA LEU C 336 -17.51 -0.26 -20.12
C LEU C 336 -16.46 0.78 -20.57
N GLU C 337 -16.90 1.84 -21.24
CA GLU C 337 -15.99 2.90 -21.69
C GLU C 337 -15.42 3.66 -20.48
N GLU C 338 -16.29 4.05 -19.54
CA GLU C 338 -15.85 4.78 -18.34
C GLU C 338 -14.83 3.93 -17.62
N ALA C 339 -15.16 2.64 -17.51
CA ALA C 339 -14.29 1.68 -16.84
C ALA C 339 -12.92 1.64 -17.53
N HIS C 340 -12.93 1.50 -18.86
CA HIS C 340 -11.70 1.46 -19.62
C HIS C 340 -10.92 2.76 -19.50
N GLU C 341 -11.63 3.88 -19.50
CA GLU C 341 -10.95 5.16 -19.41
C GLU C 341 -10.16 5.30 -18.12
N LEU C 342 -10.52 4.52 -17.10
CA LEU C 342 -9.81 4.58 -15.83
C LEU C 342 -8.32 4.29 -16.01
N SER C 343 -8.02 3.26 -16.79
CA SER C 343 -6.63 2.88 -17.04
C SER C 343 -5.93 3.77 -18.06
N GLU C 344 -6.70 4.45 -18.89
CA GLU C 344 -6.10 5.32 -19.89
C GLU C 344 -5.18 6.40 -19.30
N ASP C 345 -4.23 6.81 -20.12
CA ASP C 345 -3.23 7.80 -19.75
C ASP C 345 -2.58 7.53 -18.38
N HIS C 346 -1.95 6.37 -18.29
CA HIS C 346 -1.22 5.97 -17.10
C HIS C 346 -2.07 5.92 -15.83
N TYR C 347 -3.31 5.50 -15.96
CA TYR C 347 -4.21 5.38 -14.83
C TYR C 347 -4.54 6.72 -14.15
N LYS C 348 -4.48 7.79 -14.92
CA LYS C 348 -4.76 9.11 -14.39
C LYS C 348 -6.12 9.18 -13.70
N LYS C 349 -7.18 8.76 -14.40
CA LYS C 349 -8.52 8.83 -13.81
C LYS C 349 -8.68 7.88 -12.65
N TYR C 350 -8.14 6.68 -12.78
CA TYR C 350 -8.20 5.69 -11.72
C TYR C 350 -7.65 6.28 -10.42
N LEU C 351 -6.44 6.83 -10.50
CA LEU C 351 -5.80 7.43 -9.33
C LEU C 351 -6.66 8.52 -8.73
N ALA C 352 -7.34 9.29 -9.58
CA ALA C 352 -8.21 10.35 -9.08
C ALA C 352 -9.37 9.67 -8.34
N LYS C 353 -9.99 8.70 -8.99
CA LYS C 353 -11.12 7.95 -8.45
C LYS C 353 -10.82 7.34 -7.07
N LEU C 354 -9.75 6.55 -6.99
CA LEU C 354 -9.34 5.91 -5.74
C LEU C 354 -9.09 6.91 -4.61
N ARG C 355 -8.51 8.06 -4.95
CA ARG C 355 -8.24 9.10 -3.97
C ARG C 355 -9.53 9.74 -3.47
N SER C 356 -10.63 9.54 -4.19
CA SER C 356 -11.88 10.17 -3.80
C SER C 356 -12.99 9.30 -3.26
N ILE C 357 -12.90 7.98 -3.38
CA ILE C 357 -14.00 7.15 -2.89
C ILE C 357 -14.00 6.96 -1.38
N ASN C 358 -15.08 6.40 -0.88
CA ASN C 358 -15.17 6.18 0.55
C ASN C 358 -15.01 4.68 0.69
N PRO C 359 -13.88 4.24 1.25
CA PRO C 359 -13.65 2.80 1.42
C PRO C 359 -14.73 2.18 2.31
N PRO C 360 -14.75 0.84 2.42
CA PRO C 360 -13.89 -0.17 1.81
C PRO C 360 -13.80 -0.18 0.28
N CYS C 361 -12.62 -0.51 -0.20
CA CYS C 361 -12.35 -0.62 -1.62
C CYS C 361 -11.30 -1.70 -1.80
N VAL C 362 -11.08 -2.12 -3.04
CA VAL C 362 -10.07 -3.12 -3.31
C VAL C 362 -9.26 -2.53 -4.44
N PRO C 363 -8.17 -1.84 -4.11
CA PRO C 363 -7.37 -1.25 -5.19
C PRO C 363 -6.72 -2.22 -6.16
N PHE C 364 -6.21 -1.67 -7.26
CA PHE C 364 -5.52 -2.46 -8.25
C PHE C 364 -4.04 -2.39 -7.85
N PHE C 365 -3.46 -3.54 -7.50
CA PHE C 365 -2.06 -3.58 -7.05
C PHE C 365 -0.99 -3.24 -8.09
N GLY C 366 -1.30 -3.48 -9.36
CA GLY C 366 -0.31 -3.19 -10.40
C GLY C 366 0.35 -1.83 -10.34
N ILE C 367 -0.43 -0.80 -10.03
CA ILE C 367 0.09 0.55 -9.93
C ILE C 367 1.21 0.61 -8.90
N TYR C 368 0.95 0.06 -7.72
CA TYR C 368 1.90 0.08 -6.61
C TYR C 368 3.21 -0.67 -6.89
N LEU C 369 3.09 -1.81 -7.56
CA LEU C 369 4.24 -2.60 -7.90
C LEU C 369 5.16 -1.82 -8.81
N THR C 370 4.62 -1.21 -9.86
CA THR C 370 5.42 -0.41 -10.76
C THR C 370 6.08 0.77 -10.06
N ASN C 371 5.38 1.41 -9.11
CA ASN C 371 5.96 2.55 -8.41
C ASN C 371 7.07 2.15 -7.47
N ILE C 372 6.87 1.04 -6.78
CA ILE C 372 7.87 0.55 -5.86
C ILE C 372 9.12 0.15 -6.63
N LEU C 373 8.94 -0.56 -7.73
CA LEU C 373 10.06 -0.98 -8.54
C LEU C 373 10.85 0.21 -9.11
N LYS C 374 10.16 1.14 -9.76
CA LYS C 374 10.86 2.31 -10.31
C LYS C 374 11.59 3.05 -9.18
N THR C 375 10.93 3.25 -8.05
CA THR C 375 11.55 3.95 -6.92
C THR C 375 12.77 3.22 -6.40
N GLU C 376 12.72 1.90 -6.40
CA GLU C 376 13.83 1.10 -5.92
C GLU C 376 15.04 1.23 -6.81
N GLU C 377 14.85 1.19 -8.13
CA GLU C 377 16.02 1.29 -8.97
C GLU C 377 16.15 2.59 -9.75
N GLY C 378 15.76 3.69 -9.13
CA GLY C 378 15.88 4.98 -9.77
C GLY C 378 16.44 5.91 -8.71
N ASN C 379 16.84 5.31 -7.60
CA ASN C 379 17.41 6.01 -6.45
C ASN C 379 18.54 5.19 -5.87
N PRO C 380 19.71 5.81 -5.65
CA PRO C 380 20.88 5.11 -5.08
C PRO C 380 20.63 4.65 -3.64
N GLU C 381 21.32 3.58 -3.24
CA GLU C 381 21.18 3.05 -1.89
C GLU C 381 21.92 3.95 -0.89
N VAL C 382 22.97 4.60 -1.38
CA VAL C 382 23.71 5.52 -0.53
C VAL C 382 24.06 6.80 -1.25
N LEU C 383 24.31 7.86 -0.48
CA LEU C 383 24.69 9.16 -1.01
C LEU C 383 26.04 9.43 -0.37
N LYS C 384 26.99 9.94 -1.14
CA LYS C 384 28.31 10.23 -0.61
C LYS C 384 28.51 11.71 -0.31
N ARG C 385 29.13 11.96 0.84
CA ARG C 385 29.42 13.32 1.26
C ARG C 385 30.80 13.27 1.91
N HIS C 386 31.73 14.04 1.35
CA HIS C 386 33.09 14.12 1.87
C HIS C 386 33.70 12.74 2.11
N GLY C 387 33.45 11.81 1.19
CA GLY C 387 33.99 10.47 1.31
C GLY C 387 33.09 9.46 1.99
N LYS C 388 32.41 9.89 3.05
CA LYS C 388 31.51 9.01 3.80
C LYS C 388 30.34 8.52 2.95
N GLU C 389 29.96 7.26 3.15
CA GLU C 389 28.85 6.68 2.43
C GLU C 389 27.61 6.61 3.31
N LEU C 390 26.76 7.62 3.23
CA LEU C 390 25.56 7.66 4.05
C LEU C 390 24.42 6.84 3.46
N ILE C 391 23.56 6.33 4.34
CA ILE C 391 22.41 5.55 3.94
C ILE C 391 21.40 6.53 3.33
N ASN C 392 20.91 6.22 2.14
CA ASN C 392 19.94 7.08 1.46
C ASN C 392 18.57 6.77 2.08
N PHE C 393 18.18 7.56 3.05
CA PHE C 393 16.93 7.33 3.73
C PHE C 393 15.73 7.81 2.91
N SER C 394 15.94 8.82 2.08
CA SER C 394 14.84 9.37 1.27
C SER C 394 14.30 8.30 0.35
N LYS C 395 15.19 7.43 -0.11
CA LYS C 395 14.75 6.35 -0.98
C LYS C 395 13.81 5.43 -0.20
N ARG C 396 14.14 5.16 1.07
CA ARG C 396 13.32 4.32 1.93
C ARG C 396 12.01 4.99 2.30
N ARG C 397 12.04 6.30 2.55
CA ARG C 397 10.83 7.03 2.90
C ARG C 397 9.83 6.89 1.75
N LYS C 398 10.35 6.89 0.52
CA LYS C 398 9.50 6.78 -0.65
C LYS C 398 8.83 5.42 -0.80
N VAL C 399 9.59 4.37 -0.53
CA VAL C 399 9.06 3.01 -0.62
C VAL C 399 8.04 2.79 0.49
N ALA C 400 8.33 3.29 1.69
CA ALA C 400 7.41 3.15 2.81
C ALA C 400 6.16 4.04 2.63
N GLU C 401 6.27 5.11 1.84
CA GLU C 401 5.12 5.97 1.61
C GLU C 401 4.13 5.09 0.83
N ILE C 402 4.65 4.28 -0.10
CA ILE C 402 3.83 3.39 -0.89
C ILE C 402 3.23 2.22 -0.06
N THR C 403 4.07 1.52 0.70
CA THR C 403 3.58 0.42 1.53
C THR C 403 2.55 0.93 2.54
N GLY C 404 2.71 2.19 2.94
CA GLY C 404 1.81 2.82 3.88
C GLY C 404 0.44 3.02 3.24
N GLU C 405 0.44 3.53 2.01
CA GLU C 405 -0.78 3.77 1.28
C GLU C 405 -1.54 2.46 1.13
N ILE C 406 -0.82 1.41 0.74
CA ILE C 406 -1.39 0.08 0.57
C ILE C 406 -2.06 -0.39 1.87
N GLN C 407 -1.34 -0.22 2.99
CA GLN C 407 -1.85 -0.63 4.28
C GLN C 407 -3.08 0.17 4.68
N GLN C 408 -3.15 1.45 4.31
CA GLN C 408 -4.31 2.25 4.69
C GLN C 408 -5.58 1.63 4.09
N TYR C 409 -5.49 1.15 2.86
CA TYR C 409 -6.65 0.52 2.23
C TYR C 409 -6.91 -0.90 2.68
N GLN C 410 -6.13 -1.37 3.63
CA GLN C 410 -6.30 -2.72 4.11
C GLN C 410 -7.09 -2.78 5.40
N ASN C 411 -7.33 -1.64 6.03
CA ASN C 411 -8.07 -1.60 7.28
C ASN C 411 -9.57 -1.79 7.20
N GLN C 412 -10.23 -1.09 6.26
CA GLN C 412 -11.68 -1.14 6.13
C GLN C 412 -12.18 -2.47 5.61
N PRO C 413 -13.07 -3.14 6.36
CA PRO C 413 -13.62 -4.43 5.96
C PRO C 413 -15.00 -4.25 5.30
N TYR C 414 -15.31 -5.11 4.32
CA TYR C 414 -16.60 -5.07 3.63
C TYR C 414 -17.74 -5.67 4.47
N CYS C 415 -18.85 -4.94 4.57
CA CYS C 415 -19.98 -5.45 5.31
C CYS C 415 -20.82 -6.28 4.32
N LEU C 416 -20.33 -7.49 4.03
CA LEU C 416 -21.00 -8.41 3.11
C LEU C 416 -20.96 -9.79 3.70
N ARG C 417 -22.05 -10.55 3.53
CA ARG C 417 -22.10 -11.88 4.10
C ARG C 417 -21.49 -12.85 3.14
N VAL C 418 -20.60 -13.69 3.65
CA VAL C 418 -19.96 -14.70 2.84
C VAL C 418 -20.89 -15.86 2.61
N GLU C 419 -20.92 -16.35 1.38
CA GLU C 419 -21.72 -17.51 1.02
C GLU C 419 -20.71 -18.59 0.62
N SER C 420 -20.44 -19.51 1.55
CA SER C 420 -19.48 -20.59 1.34
C SER C 420 -19.42 -21.28 -0.02
N ASP C 421 -20.56 -21.80 -0.51
CA ASP C 421 -20.55 -22.50 -1.78
C ASP C 421 -20.12 -21.62 -2.94
N ILE C 422 -20.55 -20.35 -2.92
CA ILE C 422 -20.17 -19.45 -4.00
C ILE C 422 -18.67 -19.07 -3.89
N LYS C 423 -18.18 -18.93 -2.66
CA LYS C 423 -16.77 -18.60 -2.44
C LYS C 423 -15.96 -19.74 -3.04
N ARG C 424 -16.33 -20.97 -2.69
CA ARG C 424 -15.64 -22.17 -3.18
C ARG C 424 -15.70 -22.30 -4.70
N PHE C 425 -16.85 -22.01 -5.31
CA PHE C 425 -16.96 -22.11 -6.75
C PHE C 425 -15.88 -21.27 -7.41
N PHE C 426 -15.67 -20.06 -6.88
CA PHE C 426 -14.68 -19.15 -7.44
C PHE C 426 -13.24 -19.40 -7.02
N GLU C 427 -13.05 -20.19 -5.96
CA GLU C 427 -11.70 -20.48 -5.51
C GLU C 427 -11.16 -21.66 -6.32
N ASN C 428 -12.06 -22.54 -6.75
CA ASN C 428 -11.66 -23.70 -7.53
C ASN C 428 -11.79 -23.46 -9.03
N LEU C 429 -12.00 -22.20 -9.42
CA LEU C 429 -12.10 -21.88 -10.84
C LEU C 429 -10.75 -22.13 -11.48
N ASN C 430 -10.78 -22.81 -12.61
CA ASN C 430 -9.54 -23.07 -13.32
C ASN C 430 -9.83 -23.18 -14.80
N PRO C 431 -9.90 -22.03 -15.47
CA PRO C 431 -10.17 -21.96 -16.90
C PRO C 431 -9.16 -22.73 -17.73
N MET C 432 -7.89 -22.60 -17.35
CA MET C 432 -6.80 -23.23 -18.07
C MET C 432 -6.76 -24.75 -18.03
N GLY C 433 -7.24 -25.35 -16.96
CA GLY C 433 -7.23 -26.79 -16.86
C GLY C 433 -5.79 -27.28 -16.79
N ASN C 434 -5.41 -28.25 -17.61
CA ASN C 434 -4.05 -28.76 -17.62
C ASN C 434 -3.20 -28.09 -18.70
N SER C 435 -3.79 -27.15 -19.43
CA SER C 435 -3.09 -26.46 -20.49
C SER C 435 -2.06 -25.45 -19.97
N MET C 436 -1.10 -25.12 -20.82
CA MET C 436 -0.08 -24.16 -20.51
C MET C 436 -0.59 -22.84 -21.05
N GLU C 437 -0.10 -21.75 -20.46
CA GLU C 437 -0.52 -20.42 -20.82
C GLU C 437 -0.69 -20.24 -22.33
N LYS C 438 0.38 -20.50 -23.07
CA LYS C 438 0.32 -20.32 -24.51
C LYS C 438 -0.75 -21.15 -25.21
N GLU C 439 -0.81 -22.43 -24.91
CA GLU C 439 -1.79 -23.30 -25.52
C GLU C 439 -3.20 -22.80 -25.29
N PHE C 440 -3.51 -22.47 -24.05
CA PHE C 440 -4.84 -21.99 -23.71
C PHE C 440 -5.13 -20.68 -24.42
N THR C 441 -4.19 -19.77 -24.32
CA THR C 441 -4.31 -18.47 -24.95
C THR C 441 -4.58 -18.55 -26.45
N ASP C 442 -3.91 -19.48 -27.12
CA ASP C 442 -4.10 -19.64 -28.55
C ASP C 442 -5.47 -20.27 -28.81
N TYR C 443 -5.89 -21.15 -27.91
CA TYR C 443 -7.17 -21.79 -28.05
C TYR C 443 -8.26 -20.73 -28.02
N LEU C 444 -8.13 -19.78 -27.12
CA LEU C 444 -9.13 -18.73 -26.99
C LEU C 444 -9.20 -17.89 -28.26
N PHE C 445 -8.04 -17.64 -28.85
CA PHE C 445 -8.00 -16.82 -30.06
C PHE C 445 -8.60 -17.55 -31.26
N ASN C 446 -8.28 -18.82 -31.41
CA ASN C 446 -8.84 -19.55 -32.52
C ASN C 446 -10.36 -19.56 -32.36
N LYS C 447 -10.83 -19.77 -31.14
CA LYS C 447 -12.27 -19.75 -30.87
C LYS C 447 -12.85 -18.40 -31.32
N SER C 448 -12.09 -17.33 -31.15
CA SER C 448 -12.54 -16.00 -31.57
C SER C 448 -12.65 -15.95 -33.09
N LEU C 449 -11.73 -16.63 -33.76
CA LEU C 449 -11.74 -16.65 -35.22
C LEU C 449 -12.87 -17.54 -35.73
N GLU C 450 -13.15 -18.60 -34.99
CA GLU C 450 -14.20 -19.51 -35.37
C GLU C 450 -15.59 -18.90 -35.24
N ILE C 451 -15.86 -18.23 -34.13
CA ILE C 451 -17.18 -17.62 -33.93
C ILE C 451 -17.47 -16.36 -34.73
N GLU C 452 -16.44 -15.54 -34.93
CA GLU C 452 -16.53 -14.31 -35.72
C GLU C 452 -15.28 -14.22 -36.60
N PRO C 453 -15.32 -14.85 -37.78
CA PRO C 453 -14.22 -14.88 -38.77
C PRO C 453 -13.75 -13.50 -39.21
N ARG C 454 -12.55 -13.46 -39.78
CA ARG C 454 -11.98 -12.21 -40.27
C ARG C 454 -12.61 -11.93 -41.63
N ASN C 455 -12.63 -10.66 -42.03
CA ASN C 455 -13.18 -10.35 -43.33
C ASN C 455 -12.20 -10.85 -44.39
N PRO C 456 -12.69 -11.10 -45.61
CA PRO C 456 -14.08 -10.93 -46.04
C PRO C 456 -14.99 -12.10 -45.71
N LYS C 457 -14.47 -13.10 -45.00
CA LYS C 457 -15.29 -14.26 -44.65
C LYS C 457 -16.52 -13.80 -43.86
N PRO C 458 -17.73 -14.21 -44.30
CA PRO C 458 -18.95 -13.83 -43.59
C PRO C 458 -19.13 -14.57 -42.28
N LEU C 459 -19.97 -14.00 -41.42
CA LEU C 459 -20.26 -14.54 -40.11
C LEU C 459 -21.19 -15.75 -40.14
N PRO C 460 -20.71 -16.89 -39.62
CA PRO C 460 -21.55 -18.10 -39.60
C PRO C 460 -22.55 -18.11 -38.44
N ARG C 461 -23.31 -19.20 -38.31
CA ARG C 461 -24.30 -19.35 -37.25
C ARG C 461 -24.02 -20.60 -36.43
N PHE C 462 -24.31 -20.52 -35.13
CA PHE C 462 -24.08 -21.66 -34.25
C PHE C 462 -25.32 -21.95 -33.42
N PRO C 463 -25.47 -23.21 -32.98
CA PRO C 463 -26.63 -23.58 -32.17
C PRO C 463 -26.50 -23.13 -30.70
N LYS C 464 -27.64 -22.77 -30.11
CA LYS C 464 -27.69 -22.33 -28.72
C LYS C 464 -27.14 -23.45 -27.82
N LYS C 465 -26.55 -23.08 -26.69
CA LYS C 465 -26.00 -24.06 -25.76
C LYS C 465 -26.65 -24.05 -24.38
N TYR C 466 -27.35 -22.98 -24.03
CA TYR C 466 -27.97 -22.90 -22.72
C TYR C 466 -29.43 -23.28 -22.77
N SER C 467 -29.90 -23.99 -21.75
CA SER C 467 -31.30 -24.42 -21.70
C SER C 467 -32.16 -23.53 -20.82
N TYR C 468 -31.53 -22.77 -19.93
CA TYR C 468 -32.26 -21.89 -19.02
C TYR C 468 -32.40 -20.50 -19.60
N PRO C 469 -33.37 -19.72 -19.10
CA PRO C 469 -33.53 -18.36 -19.64
C PRO C 469 -32.25 -17.52 -19.48
N LEU C 470 -32.01 -16.66 -20.46
CA LEU C 470 -30.85 -15.79 -20.47
C LEU C 470 -31.13 -14.40 -19.92
N LYS C 471 -32.39 -14.09 -19.66
CA LYS C 471 -32.71 -12.77 -19.14
C LYS C 471 -32.01 -12.59 -17.79
N SER C 472 -31.31 -11.48 -17.67
CA SER C 472 -30.63 -11.15 -16.43
C SER C 472 -31.65 -10.66 -15.41
N PRO C 473 -31.44 -11.00 -14.13
CA PRO C 473 -32.37 -10.55 -13.09
C PRO C 473 -32.08 -9.09 -12.75
N GLY C 474 -31.01 -8.57 -13.35
CA GLY C 474 -30.58 -7.20 -13.14
C GLY C 474 -29.67 -7.00 -11.93
N VAL C 475 -29.11 -5.80 -11.79
CA VAL C 475 -28.23 -5.54 -10.66
C VAL C 475 -28.77 -4.58 -9.59
N ARG C 476 -30.10 -4.42 -9.50
CA ARG C 476 -30.71 -3.57 -8.47
C ARG C 476 -31.13 -4.59 -7.41
N PRO C 477 -30.63 -4.43 -6.18
CA PRO C 477 -30.94 -5.34 -5.06
C PRO C 477 -32.37 -5.34 -4.56
N SER C 478 -32.85 -6.53 -4.19
CA SER C 478 -34.22 -6.69 -3.68
C SER C 478 -34.21 -6.58 -2.16
N ASN C 479 -35.34 -6.18 -1.57
CA ASN C 479 -35.41 -5.96 -0.13
C ASN C 479 -36.42 -6.74 0.74
N PRO C 480 -36.31 -8.08 0.74
CA PRO C 480 -37.20 -8.90 1.56
C PRO C 480 -36.25 -9.77 2.39
N ARG C 481 -36.61 -10.09 3.63
CA ARG C 481 -35.73 -10.95 4.43
C ARG C 481 -36.37 -11.57 5.67
MG MG D . -3.59 2.85 24.76
P PO4 E . -2.17 4.56 27.43
O1 PO4 E . -2.64 3.60 28.45
O2 PO4 E . -0.70 4.50 27.34
O3 PO4 E . -2.58 5.94 27.80
O4 PO4 E . -2.76 4.20 26.12
PB GDP F . -6.10 3.63 26.74
O1B GDP F . -6.80 4.94 27.02
O2B GDP F . -5.15 3.22 27.90
O3B GDP F . -5.39 3.61 25.42
O3A GDP F . -7.20 2.47 26.74
PA GDP F . -7.23 1.15 25.94
O1A GDP F . -5.88 0.50 25.96
O2A GDP F . -7.78 1.37 24.59
O5' GDP F . -8.32 0.32 26.76
C5' GDP F . -8.13 -0.08 28.13
C4' GDP F . -9.06 -1.24 28.44
O4' GDP F . -10.47 -0.75 28.47
C3' GDP F . -9.01 -2.40 27.43
O3' GDP F . -9.09 -3.62 28.25
C2' GDP F . -10.27 -2.21 26.60
O2' GDP F . -10.70 -3.37 26.00
C1' GDP F . -11.24 -1.55 27.59
N9 GDP F . -12.28 -0.64 26.82
C8 GDP F . -11.96 0.44 26.04
N7 GDP F . -13.05 1.00 25.53
C5 GDP F . -14.13 0.27 26.03
C6 GDP F . -15.52 0.40 25.78
O6 GDP F . -16.04 1.29 25.10
N1 GDP F . -16.30 -0.55 26.46
C2 GDP F . -15.76 -1.55 27.24
N2 GDP F . -16.61 -2.41 27.83
N3 GDP F . -14.44 -1.70 27.46
C4 GDP F . -13.67 -0.77 26.80
P PO4 G . 12.33 -5.08 -15.09
O1 PO4 G . 12.22 -5.44 -16.52
O2 PO4 G . 12.36 -3.60 -14.93
O3 PO4 G . 11.15 -5.63 -14.36
O4 PO4 G . 13.58 -5.65 -14.51
P PO4 H . 4.70 -0.57 12.28
O1 PO4 H . 5.76 -1.16 11.41
O2 PO4 H . 3.49 -0.28 11.47
O3 PO4 H . 4.36 -1.53 13.35
O4 PO4 H . 5.22 0.69 12.89
P PO4 I . 34.97 13.08 42.98
O1 PO4 I . 36.09 12.23 42.54
O2 PO4 I . 33.75 12.70 42.23
O3 PO4 I . 34.74 12.88 44.44
O4 PO4 I . 35.28 14.50 42.73
#